data_5AYL
#
_entry.id   5AYL
#
_cell.length_a   75.981
_cell.length_b   75.564
_cell.length_c   79.237
_cell.angle_alpha   90.00
_cell.angle_beta   99.41
_cell.angle_gamma   90.00
#
_symmetry.space_group_name_H-M   'P 1 21 1'
#
loop_
_entity.id
_entity.type
_entity.pdbx_description
1 polymer 'DnaJ homolog subfamily C member 10'
2 non-polymer 3-PYRIDINIUM-1-YLPROPANE-1-SULFONATE
3 water water
#
_entity_poly.entity_id   1
_entity_poly.type   'polypeptide(L)'
_entity_poly.pdbx_seq_one_letter_code
;MGSSHHHHHHSSGLVPRGSHMTDQNFYSLLGVSKTASSREIRQAFKKLALKLHPDKNPNNPNAHGDFLKINRAYEVLKDE
DLRKKYDKYGEKGLEDNQGGQYESWSYYRYDFGIYDDDPEIITLERREFDAAVNSGELWFVNFYSPGSSHSHDLAPTWRE
FAKEVDGLLRIGAVNCGDDRMLCRMKGVNSYPSLFIFRSGMAAVKYNGDRSKESLVAFAMQHVRSTVTELSTGNFVNAIE
TAFAAGVGWLITFCSKGEDCLTSQTRLRLSGMLDGLVNVGWVDCDAQDSLCKSLDTTASTTAYFPPGATLNDREKSSVLF
LNSLDAKEIYMEIIHNLPDFELLSANQLEDRLAHHRWLVFFHFGKNENANDPELKKLKTLLKNEHIQVVRFDCSSAPGIC
SDLYVFQPSLAVFKGQGTKEYEIHHGKKILYDILAFAKESVNSHVTTLGPQNFPASDKEPWLVDFFAPWSPPSRALLPEL
RKASTLLYGQLKVGTLDCTIHEGLCNMYNIQAYPTTVVFNQSSIHEYEGHHSAEQILEFIEDLRNPSVVSLTPSTFNELV
KQRKHDEVWMVDFYSPWSHPSQVLMPEWKRMARTLTGLINVGSVDCQQYHSFCTQENVQRYPEIRFYPQKSSKAYQYHSY
NGWNRDAYSLRSWGLGFLPQASIDLTPQTFNEKVLQGKTHWVVDFYAPWSGPSQNFAPEFELLARMIKGKVRAGKVDCQA
YPQTCQKAGIKAYPSVKLYQYERAKKSIWEEQINSRDAKTIAALIYGKLETLQSQVKRNKDEL
;
_entity_poly.pdbx_strand_id   A
#
# COMPACT_ATOMS: atom_id res chain seq x y z
N ASP A 23 24.05 6.97 -19.46
CA ASP A 23 24.85 5.82 -19.88
C ASP A 23 25.52 5.14 -18.69
N GLN A 24 26.02 5.95 -17.76
CA GLN A 24 26.53 5.45 -16.49
C GLN A 24 25.35 5.19 -15.55
N ASN A 25 24.37 4.46 -16.04
CA ASN A 25 23.17 4.13 -15.29
C ASN A 25 23.48 3.22 -14.10
N PHE A 26 22.73 3.38 -13.02
CA PHE A 26 22.99 2.68 -11.76
C PHE A 26 22.96 1.16 -11.91
N TYR A 27 22.06 0.66 -12.76
CA TYR A 27 21.96 -0.77 -13.02
C TYR A 27 23.23 -1.24 -13.73
N SER A 28 23.66 -0.45 -14.71
CA SER A 28 24.87 -0.73 -15.47
C SER A 28 26.10 -0.76 -14.56
N LEU A 29 26.09 0.11 -13.56
CA LEU A 29 27.23 0.25 -12.67
C LEU A 29 27.41 -0.98 -11.79
N LEU A 30 26.31 -1.67 -11.50
CA LEU A 30 26.36 -2.87 -10.67
C LEU A 30 26.38 -4.13 -11.53
N GLY A 31 26.42 -3.95 -12.85
CA GLY A 31 26.42 -5.07 -13.78
C GLY A 31 25.12 -5.85 -13.69
N VAL A 32 24.01 -5.13 -13.64
CA VAL A 32 22.73 -5.73 -13.34
C VAL A 32 21.64 -5.11 -14.21
N SER A 33 20.57 -5.86 -14.47
CA SER A 33 19.47 -5.36 -15.27
C SER A 33 18.46 -4.58 -14.43
N LYS A 34 17.66 -3.75 -15.08
CA LYS A 34 16.63 -2.96 -14.40
C LYS A 34 15.52 -3.84 -13.82
N THR A 35 15.53 -5.11 -14.19
CA THR A 35 14.54 -6.05 -13.68
C THR A 35 15.07 -6.84 -12.49
N ALA A 36 16.22 -6.42 -11.97
CA ALA A 36 16.88 -7.15 -10.89
C ALA A 36 16.10 -7.07 -9.59
N SER A 37 16.11 -8.17 -8.84
CA SER A 37 15.52 -8.22 -7.51
C SER A 37 16.41 -7.49 -6.53
N SER A 38 15.93 -7.29 -5.31
CA SER A 38 16.74 -6.68 -4.27
C SER A 38 17.98 -7.52 -4.00
N ARG A 39 17.77 -8.84 -3.93
CA ARG A 39 18.88 -9.75 -3.67
C ARG A 39 19.95 -9.69 -4.74
N GLU A 40 19.53 -9.66 -6.01
CA GLU A 40 20.48 -9.59 -7.11
C GLU A 40 21.27 -8.30 -7.08
N ILE A 41 20.62 -7.21 -6.68
CA ILE A 41 21.30 -5.93 -6.52
C ILE A 41 22.30 -5.98 -5.36
N ARG A 42 21.85 -6.53 -4.23
CA ARG A 42 22.70 -6.66 -3.05
C ARG A 42 23.99 -7.42 -3.34
N GLN A 43 23.85 -8.58 -3.98
CA GLN A 43 25.00 -9.43 -4.26
C GLN A 43 25.90 -8.80 -5.31
N ALA A 44 25.29 -8.15 -6.29
CA ALA A 44 26.04 -7.45 -7.31
C ALA A 44 26.88 -6.34 -6.67
N PHE A 45 26.26 -5.58 -5.78
CA PHE A 45 26.98 -4.53 -5.06
C PHE A 45 28.09 -5.12 -4.18
N LYS A 46 27.79 -6.23 -3.51
CA LYS A 46 28.73 -6.85 -2.58
C LYS A 46 30.02 -7.27 -3.26
N LYS A 47 29.88 -7.88 -4.44
CA LYS A 47 31.05 -8.34 -5.20
C LYS A 47 31.93 -7.17 -5.60
N LEU A 48 31.32 -6.07 -6.02
CA LEU A 48 32.06 -4.86 -6.39
C LEU A 48 32.65 -4.19 -5.16
N ALA A 49 31.87 -4.15 -4.08
CA ALA A 49 32.31 -3.53 -2.83
C ALA A 49 33.56 -4.21 -2.28
N LEU A 50 33.60 -5.54 -2.34
CA LEU A 50 34.75 -6.30 -1.87
C LEU A 50 35.98 -6.07 -2.75
N LYS A 51 35.74 -5.80 -4.03
CA LYS A 51 36.83 -5.64 -4.98
C LYS A 51 37.37 -4.22 -5.02
N LEU A 52 36.51 -3.24 -4.77
CA LEU A 52 36.88 -1.84 -4.92
C LEU A 52 36.99 -1.09 -3.60
N HIS A 53 36.96 -1.82 -2.48
CA HIS A 53 37.01 -1.20 -1.16
C HIS A 53 38.35 -0.52 -0.91
N PRO A 54 38.33 0.62 -0.22
CA PRO A 54 39.55 1.33 0.20
C PRO A 54 40.54 0.44 0.95
N ASP A 55 40.08 -0.26 1.98
CA ASP A 55 40.96 -1.07 2.84
C ASP A 55 41.78 -2.11 2.09
N LYS A 56 41.41 -2.39 0.84
CA LYS A 56 42.10 -3.39 0.04
C LYS A 56 42.85 -2.78 -1.13
N ASN A 57 42.93 -1.45 -1.17
CA ASN A 57 43.55 -0.74 -2.30
C ASN A 57 44.21 0.60 -1.93
N PRO A 58 45.53 0.71 -2.17
CA PRO A 58 46.24 1.99 -2.04
C PRO A 58 46.02 2.90 -3.25
N ASN A 59 45.46 2.35 -4.33
CA ASN A 59 45.15 3.14 -5.52
C ASN A 59 44.08 4.17 -5.21
N ASN A 60 44.20 5.36 -5.79
CA ASN A 60 43.23 6.44 -5.61
C ASN A 60 42.89 6.70 -4.14
N ALA A 63 40.01 3.77 -5.53
CA ALA A 63 39.46 3.35 -4.24
C ALA A 63 38.18 4.09 -3.90
N HIS A 64 38.30 5.05 -2.99
CA HIS A 64 37.16 5.80 -2.46
C HIS A 64 36.26 6.33 -3.56
N GLY A 65 36.85 6.84 -4.62
CA GLY A 65 36.10 7.41 -5.73
C GLY A 65 35.27 6.39 -6.49
N ASP A 66 35.90 5.31 -6.91
CA ASP A 66 35.21 4.24 -7.60
C ASP A 66 34.20 3.57 -6.66
N PHE A 67 34.57 3.47 -5.39
CA PHE A 67 33.72 2.86 -4.38
C PHE A 67 32.51 3.72 -4.04
N LEU A 68 32.64 5.04 -4.21
CA LEU A 68 31.55 5.95 -3.87
C LEU A 68 30.45 5.95 -4.93
N LYS A 69 30.79 5.57 -6.15
CA LYS A 69 29.79 5.52 -7.21
C LYS A 69 28.89 4.30 -7.07
N ILE A 70 29.47 3.12 -6.85
CA ILE A 70 28.67 1.92 -6.66
C ILE A 70 27.85 2.00 -5.38
N ASN A 71 28.41 2.65 -4.35
CA ASN A 71 27.70 2.82 -3.10
C ASN A 71 26.50 3.74 -3.27
N ARG A 72 26.63 4.71 -4.18
CA ARG A 72 25.54 5.64 -4.47
C ARG A 72 24.47 4.93 -5.27
N ALA A 73 24.90 4.09 -6.21
CA ALA A 73 23.99 3.30 -7.01
C ALA A 73 23.20 2.33 -6.13
N TYR A 74 23.87 1.74 -5.15
CA TYR A 74 23.23 0.79 -4.25
C TYR A 74 22.24 1.49 -3.35
N GLU A 75 22.68 2.57 -2.71
CA GLU A 75 21.84 3.33 -1.78
C GLU A 75 20.54 3.79 -2.42
N VAL A 76 20.58 4.01 -3.74
CA VAL A 76 19.39 4.44 -4.47
C VAL A 76 18.53 3.26 -4.90
N LEU A 77 19.17 2.23 -5.45
CA LEU A 77 18.43 1.08 -6.00
C LEU A 77 17.82 0.18 -4.92
N LYS A 78 18.32 0.27 -3.70
CA LYS A 78 17.82 -0.54 -2.60
C LYS A 78 16.63 0.11 -1.92
N ASP A 79 16.43 1.39 -2.18
CA ASP A 79 15.32 2.12 -1.56
C ASP A 79 14.09 2.13 -2.47
N GLU A 80 12.96 1.71 -1.92
CA GLU A 80 11.72 1.57 -2.69
C GLU A 80 11.29 2.87 -3.36
N ASP A 81 11.32 3.96 -2.60
CA ASP A 81 10.97 5.28 -3.12
C ASP A 81 11.96 5.74 -4.18
N LEU A 82 13.24 5.73 -3.83
CA LEU A 82 14.28 6.23 -4.71
C LEU A 82 14.39 5.45 -6.01
N ARG A 83 14.21 4.13 -5.97
CA ARG A 83 14.35 3.33 -7.18
C ARG A 83 13.20 3.58 -8.15
N LYS A 84 11.98 3.67 -7.62
CA LYS A 84 10.82 4.00 -8.46
C LYS A 84 11.00 5.40 -9.05
N LYS A 85 11.49 6.32 -8.23
CA LYS A 85 11.76 7.68 -8.68
C LYS A 85 12.85 7.68 -9.74
N TYR A 86 13.89 6.90 -9.50
CA TYR A 86 14.99 6.79 -10.44
C TYR A 86 14.50 6.24 -11.79
N ASP A 87 13.62 5.25 -11.74
CA ASP A 87 13.09 4.65 -12.96
C ASP A 87 12.30 5.68 -13.77
N LYS A 88 11.68 6.61 -13.08
CA LYS A 88 10.81 7.58 -13.72
C LYS A 88 11.58 8.80 -14.21
N TYR A 89 12.56 9.26 -13.44
CA TYR A 89 13.22 10.53 -13.75
C TYR A 89 14.75 10.44 -13.85
N GLY A 90 15.31 9.30 -13.50
CA GLY A 90 16.75 9.18 -13.47
C GLY A 90 17.33 9.96 -12.31
N GLU A 91 18.38 10.72 -12.56
CA GLU A 91 19.13 11.41 -11.51
C GLU A 91 18.61 12.79 -11.16
N LYS A 92 17.74 13.33 -12.02
CA LYS A 92 17.34 14.73 -11.91
C LYS A 92 16.56 15.03 -10.63
N GLY A 93 15.91 14.01 -10.08
CA GLY A 93 15.14 14.20 -8.86
C GLY A 93 15.96 13.96 -7.61
N LEU A 94 16.78 12.92 -7.66
CA LEU A 94 17.61 12.53 -6.52
C LEU A 94 18.60 13.61 -6.12
N GLU A 95 18.53 14.05 -4.87
CA GLU A 95 19.56 14.92 -4.32
C GLU A 95 20.70 14.02 -3.84
N ASP A 96 21.80 14.61 -3.38
CA ASP A 96 22.94 13.85 -2.90
C ASP A 96 22.57 12.98 -1.69
N GLN A 101 29.89 7.54 2.53
CA GLN A 101 29.44 6.92 3.78
C GLN A 101 29.17 5.43 3.57
N TYR A 102 29.98 4.60 4.23
CA TYR A 102 29.92 3.16 4.03
C TYR A 102 30.51 2.40 5.22
N GLU A 103 30.58 1.08 5.09
CA GLU A 103 31.14 0.23 6.14
C GLU A 103 32.52 -0.29 5.74
N SER A 104 33.17 -0.99 6.66
CA SER A 104 34.49 -1.56 6.39
C SER A 104 34.40 -2.72 5.43
N TRP A 105 35.54 -3.14 4.90
CA TRP A 105 35.62 -4.31 4.03
C TRP A 105 35.15 -5.54 4.81
N SER A 106 35.54 -5.58 6.08
CA SER A 106 35.14 -6.65 6.98
C SER A 106 33.62 -6.83 6.99
N TYR A 107 32.90 -5.71 7.07
CA TYR A 107 31.45 -5.74 7.13
C TYR A 107 30.84 -6.39 5.91
N TYR A 108 31.29 -5.99 4.72
CA TYR A 108 30.72 -6.50 3.48
C TYR A 108 31.10 -7.96 3.27
N ARG A 109 32.27 -8.34 3.77
CA ARG A 109 32.75 -9.70 3.62
C ARG A 109 31.96 -10.71 4.48
N TYR A 110 31.58 -10.29 5.68
CA TYR A 110 31.02 -11.24 6.64
C TYR A 110 29.59 -10.95 7.11
N ASP A 111 29.21 -9.68 7.18
CA ASP A 111 27.94 -9.31 7.80
C ASP A 111 26.86 -8.87 6.81
N PHE A 112 27.26 -8.61 5.57
CA PHE A 112 26.35 -8.05 4.58
C PHE A 112 25.59 -9.12 3.79
N GLY A 113 24.29 -8.91 3.60
CA GLY A 113 23.44 -9.86 2.89
C GLY A 113 23.50 -11.23 3.53
N ILE A 114 23.41 -11.24 4.85
CA ILE A 114 23.77 -12.37 5.68
C ILE A 114 23.05 -13.70 5.35
N TYR A 115 21.87 -13.63 4.76
CA TYR A 115 21.10 -14.85 4.48
C TYR A 115 20.85 -15.05 2.99
N ASP A 116 21.51 -14.25 2.17
CA ASP A 116 21.29 -14.27 0.72
C ASP A 116 21.65 -15.61 0.09
N ASP A 117 22.55 -16.36 0.72
CA ASP A 117 22.99 -17.64 0.17
C ASP A 117 22.43 -18.83 0.94
N ASP A 118 21.34 -18.60 1.68
N ASP A 118 21.35 -18.62 1.69
CA ASP A 118 20.68 -19.65 2.44
CA ASP A 118 20.72 -19.70 2.41
C ASP A 118 19.26 -19.85 1.94
C ASP A 118 19.28 -19.88 1.96
N PRO A 119 19.06 -20.86 1.07
CA PRO A 119 17.78 -21.11 0.40
C PRO A 119 16.58 -21.32 1.33
N GLU A 120 16.83 -21.78 2.56
CA GLU A 120 15.77 -22.10 3.48
C GLU A 120 15.25 -20.85 4.20
N ILE A 121 16.02 -19.78 4.13
CA ILE A 121 15.63 -18.53 4.76
C ILE A 121 14.94 -17.61 3.75
N ILE A 122 13.68 -17.27 4.05
CA ILE A 122 12.94 -16.36 3.20
C ILE A 122 13.05 -14.94 3.74
N THR A 123 13.67 -14.06 2.95
CA THR A 123 13.82 -12.67 3.34
C THR A 123 12.58 -11.88 2.97
N LEU A 124 12.01 -11.17 3.93
CA LEU A 124 10.80 -10.40 3.70
C LEU A 124 11.03 -8.90 3.74
N GLU A 125 10.48 -8.21 2.75
CA GLU A 125 10.57 -6.75 2.69
C GLU A 125 9.25 -6.16 3.18
N ARG A 126 9.21 -4.83 3.37
CA ARG A 126 8.10 -4.18 4.06
C ARG A 126 6.74 -4.52 3.48
N ARG A 127 6.58 -4.35 2.18
CA ARG A 127 5.25 -4.43 1.57
C ARG A 127 4.80 -5.85 1.26
N GLU A 128 5.73 -6.81 1.35
CA GLU A 128 5.37 -8.21 1.15
C GLU A 128 5.20 -8.96 2.48
N PHE A 129 5.39 -8.25 3.59
CA PHE A 129 5.41 -8.88 4.91
C PHE A 129 4.05 -9.34 5.41
N ASP A 130 3.09 -8.42 5.45
CA ASP A 130 1.77 -8.72 6.00
C ASP A 130 1.08 -9.85 5.24
N ALA A 131 1.28 -9.90 3.92
CA ALA A 131 0.64 -10.94 3.11
C ALA A 131 1.28 -12.30 3.35
N ALA A 132 2.58 -12.29 3.62
CA ALA A 132 3.31 -13.52 3.87
C ALA A 132 2.92 -14.15 5.21
N VAL A 133 3.03 -13.39 6.29
CA VAL A 133 2.78 -13.94 7.62
C VAL A 133 1.30 -14.10 7.90
N ASN A 134 0.45 -13.62 7.01
CA ASN A 134 -0.98 -13.85 7.13
C ASN A 134 -1.47 -14.83 6.06
N SER A 135 -0.53 -15.50 5.40
CA SER A 135 -0.87 -16.43 4.33
C SER A 135 -1.72 -17.59 4.83
N GLY A 136 -1.43 -18.03 6.05
CA GLY A 136 -2.06 -19.24 6.59
C GLY A 136 -1.02 -20.25 6.99
N GLU A 137 0.19 -20.09 6.47
CA GLU A 137 1.31 -20.93 6.86
C GLU A 137 1.94 -20.45 8.16
N LEU A 138 2.67 -21.33 8.83
CA LEU A 138 3.34 -20.98 10.07
C LEU A 138 4.68 -20.34 9.80
N TRP A 139 4.88 -19.13 10.32
CA TRP A 139 6.13 -18.39 10.07
C TRP A 139 6.93 -18.14 11.34
N PHE A 140 8.22 -18.39 11.27
CA PHE A 140 9.13 -18.02 12.35
C PHE A 140 10.13 -17.02 11.79
N VAL A 141 10.05 -15.78 12.26
CA VAL A 141 10.81 -14.69 11.63
C VAL A 141 11.86 -14.07 12.56
N ASN A 142 13.10 -14.04 12.08
CA ASN A 142 14.19 -13.36 12.75
C ASN A 142 14.29 -11.90 12.32
N PHE A 143 13.83 -11.00 13.18
CA PHE A 143 14.06 -9.56 12.98
C PHE A 143 15.44 -9.22 13.52
N TYR A 144 16.38 -8.93 12.62
CA TYR A 144 17.75 -8.71 13.05
C TYR A 144 18.31 -7.37 12.56
N SER A 145 19.40 -6.94 13.19
CA SER A 145 20.17 -5.82 12.70
C SER A 145 21.53 -6.36 12.26
N PRO A 146 21.98 -5.98 11.06
CA PRO A 146 23.25 -6.48 10.53
C PRO A 146 24.46 -5.94 11.31
N GLY A 147 25.35 -6.83 11.70
CA GLY A 147 26.54 -6.46 12.47
C GLY A 147 27.36 -7.68 12.84
N SER A 148 28.42 -7.48 13.61
CA SER A 148 29.30 -8.58 14.01
C SER A 148 28.73 -9.34 15.21
N SER A 149 28.52 -8.63 16.31
CA SER A 149 27.96 -9.24 17.52
C SER A 149 26.45 -9.44 17.40
N HIS A 150 25.83 -8.66 16.53
CA HIS A 150 24.44 -8.89 16.14
C HIS A 150 24.43 -9.94 15.03
N SER A 151 23.58 -10.96 15.18
CA SER A 151 23.68 -12.17 14.36
C SER A 151 25.09 -12.77 14.45
N HIS A 152 25.41 -13.72 13.56
CA HIS A 152 26.67 -14.46 13.55
C HIS A 152 26.91 -15.26 14.83
N ASP A 153 26.38 -14.78 15.94
CA ASP A 153 26.11 -15.63 17.09
C ASP A 153 24.85 -16.41 16.75
N LEU A 154 23.91 -15.73 16.10
CA LEU A 154 22.63 -16.32 15.75
C LEU A 154 22.61 -16.92 14.34
N ALA A 155 23.19 -16.20 13.38
CA ALA A 155 23.11 -16.54 11.96
C ALA A 155 23.43 -18.01 11.63
N PRO A 156 24.58 -18.55 12.10
CA PRO A 156 24.84 -19.95 11.75
C PRO A 156 23.79 -20.89 12.31
N THR A 157 23.34 -20.59 13.52
CA THR A 157 22.31 -21.37 14.19
C THR A 157 20.99 -21.25 13.45
N TRP A 158 20.67 -20.05 13.01
CA TRP A 158 19.43 -19.78 12.30
C TRP A 158 19.42 -20.50 10.95
N ARG A 159 20.60 -20.66 10.36
CA ARG A 159 20.75 -21.41 9.11
C ARG A 159 20.54 -22.91 9.31
N GLU A 160 21.10 -23.44 10.38
CA GLU A 160 20.96 -24.86 10.69
C GLU A 160 19.53 -25.17 11.12
N PHE A 161 18.90 -24.21 11.80
CA PHE A 161 17.53 -24.35 12.27
C PHE A 161 16.55 -24.44 11.11
N ALA A 162 16.78 -23.62 10.09
CA ALA A 162 15.93 -23.59 8.92
C ALA A 162 15.97 -24.92 8.18
N LYS A 163 17.14 -25.54 8.16
CA LYS A 163 17.32 -26.84 7.52
C LYS A 163 16.58 -27.94 8.27
N GLU A 164 16.66 -27.88 9.60
CA GLU A 164 16.07 -28.92 10.44
C GLU A 164 14.55 -28.94 10.34
N VAL A 165 13.93 -27.76 10.23
CA VAL A 165 12.49 -27.67 10.26
C VAL A 165 11.89 -27.41 8.88
N ASP A 166 12.75 -27.47 7.87
CA ASP A 166 12.32 -27.34 6.48
C ASP A 166 11.20 -28.34 6.17
N GLY A 167 10.05 -27.81 5.74
CA GLY A 167 8.90 -28.64 5.42
C GLY A 167 7.81 -28.58 6.47
N LEU A 168 8.15 -28.07 7.65
CA LEU A 168 7.19 -28.00 8.75
C LEU A 168 6.66 -26.58 8.95
N LEU A 169 7.50 -25.60 8.64
CA LEU A 169 7.11 -24.20 8.76
C LEU A 169 8.06 -23.33 7.93
N ARG A 170 7.66 -22.07 7.71
CA ARG A 170 8.51 -21.13 6.99
C ARG A 170 9.43 -20.39 7.96
N ILE A 171 10.70 -20.31 7.60
CA ILE A 171 11.67 -19.55 8.39
C ILE A 171 12.01 -18.25 7.67
N GLY A 172 11.72 -17.13 8.32
CA GLY A 172 11.92 -15.84 7.70
C GLY A 172 13.00 -15.00 8.35
N ALA A 173 13.47 -14.00 7.62
CA ALA A 173 14.36 -13.01 8.19
C ALA A 173 13.93 -11.63 7.72
N VAL A 174 14.02 -10.65 8.62
CA VAL A 174 13.75 -9.27 8.26
C VAL A 174 14.95 -8.41 8.66
N ASN A 175 15.55 -7.75 7.67
CA ASN A 175 16.64 -6.82 7.94
C ASN A 175 16.08 -5.48 8.39
N CYS A 176 16.11 -5.25 9.70
CA CYS A 176 15.58 -4.00 10.23
C CYS A 176 16.44 -2.83 9.81
N GLY A 177 17.70 -3.13 9.45
CA GLY A 177 18.60 -2.11 8.97
C GLY A 177 18.06 -1.43 7.73
N ASP A 178 17.45 -2.20 6.85
CA ASP A 178 16.94 -1.67 5.58
C ASP A 178 15.45 -1.39 5.63
N ASP A 179 14.76 -2.00 6.59
CA ASP A 179 13.32 -1.77 6.75
C ASP A 179 13.02 -1.27 8.16
N ARG A 180 13.57 -0.11 8.52
CA ARG A 180 13.38 0.47 9.84
C ARG A 180 11.90 0.71 10.16
N MET A 181 11.17 1.27 9.18
CA MET A 181 9.74 1.53 9.36
C MET A 181 8.98 0.26 9.74
N LEU A 182 9.27 -0.83 9.04
CA LEU A 182 8.62 -2.11 9.27
C LEU A 182 8.88 -2.64 10.68
N CYS A 183 10.13 -2.57 11.13
CA CYS A 183 10.46 -3.03 12.47
C CYS A 183 9.86 -2.11 13.53
N ARG A 184 9.94 -0.81 13.29
CA ARG A 184 9.36 0.18 14.17
C ARG A 184 7.86 -0.05 14.35
N MET A 185 7.13 -0.16 13.24
CA MET A 185 5.68 -0.35 13.28
C MET A 185 5.24 -1.64 13.97
N LYS A 186 6.12 -2.63 14.01
CA LYS A 186 5.78 -3.91 14.64
C LYS A 186 6.21 -3.91 16.10
N GLY A 187 6.81 -2.82 16.53
CA GLY A 187 7.21 -2.67 17.93
C GLY A 187 8.53 -3.35 18.21
N VAL A 188 9.32 -3.57 17.17
CA VAL A 188 10.63 -4.19 17.30
C VAL A 188 11.74 -3.13 17.38
N ASN A 189 12.27 -2.91 18.57
CA ASN A 189 13.28 -1.89 18.78
C ASN A 189 14.64 -2.46 19.22
N SER A 190 14.66 -3.75 19.55
CA SER A 190 15.90 -4.42 19.96
C SER A 190 16.13 -5.68 19.15
N TYR A 191 17.39 -6.01 18.92
CA TYR A 191 17.74 -7.07 17.99
C TYR A 191 18.73 -8.07 18.57
N PRO A 192 18.55 -9.37 18.26
CA PRO A 192 17.48 -9.87 17.38
C PRO A 192 16.19 -10.16 18.13
N SER A 193 15.06 -10.10 17.42
CA SER A 193 13.76 -10.46 17.96
C SER A 193 13.14 -11.58 17.14
N LEU A 194 12.67 -12.62 17.81
CA LEU A 194 12.13 -13.80 17.15
C LEU A 194 10.64 -13.96 17.39
N PHE A 195 9.87 -13.99 16.31
CA PHE A 195 8.42 -14.08 16.39
C PHE A 195 7.85 -15.22 15.57
N ILE A 196 6.92 -15.96 16.16
CA ILE A 196 6.11 -16.93 15.44
C ILE A 196 4.82 -16.25 14.96
N PHE A 197 4.51 -16.44 13.68
CA PHE A 197 3.28 -15.89 13.10
C PHE A 197 2.40 -16.98 12.53
N ARG A 198 1.09 -16.80 12.69
CA ARG A 198 0.12 -17.65 12.02
C ARG A 198 -1.22 -16.92 11.97
N SER A 199 -1.80 -16.84 10.79
CA SER A 199 -3.07 -16.14 10.60
C SER A 199 -4.14 -16.70 11.53
N GLY A 200 -4.94 -15.80 12.11
CA GLY A 200 -5.99 -16.20 13.03
C GLY A 200 -5.55 -16.12 14.48
N MET A 201 -4.26 -15.89 14.69
CA MET A 201 -3.73 -15.81 16.03
C MET A 201 -2.70 -14.69 16.17
N ALA A 202 -2.50 -14.23 17.40
CA ALA A 202 -1.55 -13.16 17.69
C ALA A 202 -0.12 -13.66 17.61
N ALA A 203 0.80 -12.77 17.27
CA ALA A 203 2.22 -13.13 17.18
C ALA A 203 2.77 -13.52 18.54
N VAL A 204 3.64 -14.53 18.56
CA VAL A 204 4.21 -15.03 19.80
C VAL A 204 5.72 -14.80 19.85
N LYS A 205 6.16 -13.90 20.73
CA LYS A 205 7.59 -13.61 20.82
C LYS A 205 8.33 -14.71 21.59
N TYR A 206 9.46 -15.13 21.04
CA TYR A 206 10.27 -16.16 21.66
C TYR A 206 11.36 -15.53 22.52
N ASN A 207 11.44 -15.93 23.78
CA ASN A 207 12.38 -15.33 24.71
C ASN A 207 13.45 -16.29 25.23
N GLY A 208 13.38 -17.55 24.81
CA GLY A 208 14.30 -18.56 25.30
C GLY A 208 15.72 -18.42 24.81
N ASP A 209 16.59 -19.34 25.21
CA ASP A 209 17.96 -19.37 24.70
C ASP A 209 17.92 -19.75 23.23
N ARG A 210 18.77 -19.13 22.42
CA ARG A 210 18.64 -19.28 20.99
C ARG A 210 19.50 -20.41 20.43
N SER A 211 19.53 -21.54 21.14
CA SER A 211 20.15 -22.74 20.62
C SER A 211 19.21 -23.40 19.61
N LYS A 212 19.75 -24.26 18.75
CA LYS A 212 18.96 -24.92 17.73
C LYS A 212 17.83 -25.74 18.33
N GLU A 213 18.15 -26.54 19.34
CA GLU A 213 17.17 -27.43 19.94
C GLU A 213 16.05 -26.68 20.66
N SER A 214 16.37 -25.52 21.20
CA SER A 214 15.39 -24.71 21.91
C SER A 214 14.45 -24.03 20.93
N LEU A 215 15.02 -23.50 19.85
CA LEU A 215 14.22 -22.93 18.77
C LEU A 215 13.29 -23.98 18.20
N VAL A 216 13.82 -25.18 18.00
CA VAL A 216 13.04 -26.29 17.45
C VAL A 216 11.87 -26.65 18.36
N ALA A 217 12.18 -26.86 19.64
CA ALA A 217 11.15 -27.21 20.61
C ALA A 217 10.05 -26.15 20.68
N PHE A 218 10.45 -24.89 20.59
CA PHE A 218 9.50 -23.78 20.61
C PHE A 218 8.58 -23.79 19.39
N ALA A 219 9.18 -24.01 18.22
CA ALA A 219 8.43 -23.99 16.97
C ALA A 219 7.51 -25.21 16.85
N MET A 220 7.96 -26.35 17.35
CA MET A 220 7.15 -27.57 17.30
C MET A 220 5.87 -27.44 18.13
N GLN A 221 5.92 -26.61 19.16
CA GLN A 221 4.72 -26.29 19.94
C GLN A 221 3.61 -25.73 19.07
N HIS A 222 3.99 -25.03 18.01
CA HIS A 222 3.03 -24.31 17.18
C HIS A 222 2.69 -25.05 15.89
N VAL A 223 3.44 -26.11 15.60
CA VAL A 223 3.13 -26.96 14.46
C VAL A 223 1.93 -27.84 14.83
N ARG A 224 1.03 -28.07 13.87
CA ARG A 224 -0.06 -29.00 14.07
C ARG A 224 0.43 -30.41 13.79
N SER A 225 0.63 -31.19 14.85
CA SER A 225 1.14 -32.55 14.69
C SER A 225 0.26 -33.54 15.43
N THR A 226 -0.93 -33.78 14.89
CA THR A 226 -1.87 -34.71 15.48
C THR A 226 -1.71 -36.12 14.93
N VAL A 227 -1.48 -37.08 15.82
CA VAL A 227 -1.40 -38.48 15.44
C VAL A 227 -2.46 -39.29 16.21
N THR A 228 -3.43 -39.84 15.48
CA THR A 228 -4.57 -40.51 16.09
C THR A 228 -4.34 -42.01 16.30
N GLU A 229 -4.51 -42.49 17.53
CA GLU A 229 -4.56 -43.93 17.73
C GLU A 229 -5.90 -44.44 17.23
N LEU A 230 -5.87 -45.28 16.21
CA LEU A 230 -7.09 -45.85 15.66
C LEU A 230 -7.38 -47.19 16.34
N SER A 231 -8.66 -47.52 16.42
CA SER A 231 -9.11 -48.74 17.07
C SER A 231 -10.34 -49.28 16.38
N THR A 232 -10.73 -50.50 16.73
CA THR A 232 -11.97 -51.09 16.21
C THR A 232 -13.15 -50.13 16.41
N GLY A 233 -13.13 -49.42 17.53
CA GLY A 233 -14.23 -48.54 17.91
C GLY A 233 -14.34 -47.23 17.14
N ASN A 234 -13.22 -46.59 16.84
CA ASN A 234 -13.27 -45.29 16.16
C ASN A 234 -12.86 -45.31 14.68
N PHE A 235 -12.39 -46.46 14.19
CA PHE A 235 -11.81 -46.54 12.85
C PHE A 235 -12.74 -46.05 11.75
N VAL A 236 -13.94 -46.65 11.68
CA VAL A 236 -14.88 -46.32 10.61
C VAL A 236 -15.26 -44.84 10.63
N ASN A 237 -15.50 -44.29 11.81
CA ASN A 237 -15.87 -42.88 11.90
C ASN A 237 -14.73 -41.97 11.44
N ALA A 238 -13.52 -42.26 11.91
CA ALA A 238 -12.34 -41.48 11.53
C ALA A 238 -12.13 -41.47 10.01
N ILE A 239 -12.31 -42.62 9.39
CA ILE A 239 -12.14 -42.76 7.96
C ILE A 239 -13.22 -42.02 7.19
N GLU A 240 -14.47 -42.30 7.53
CA GLU A 240 -15.61 -41.71 6.82
C GLU A 240 -15.60 -40.18 6.92
N THR A 241 -15.34 -39.67 8.13
CA THR A 241 -15.29 -38.23 8.38
C THR A 241 -14.24 -37.57 7.50
N ALA A 242 -13.05 -38.14 7.50
CA ALA A 242 -11.95 -37.63 6.67
C ALA A 242 -12.30 -37.72 5.19
N PHE A 243 -12.84 -38.86 4.77
CA PHE A 243 -13.14 -39.10 3.36
C PHE A 243 -14.19 -38.13 2.81
N ALA A 244 -15.19 -37.82 3.62
CA ALA A 244 -16.25 -36.91 3.22
C ALA A 244 -15.69 -35.51 2.97
N ALA A 245 -14.63 -35.17 3.72
CA ALA A 245 -13.95 -33.90 3.56
C ALA A 245 -12.86 -33.99 2.48
N GLY A 246 -12.80 -35.13 1.80
CA GLY A 246 -11.81 -35.34 0.75
C GLY A 246 -10.38 -35.54 1.25
N VAL A 247 -10.23 -35.98 2.50
CA VAL A 247 -8.92 -36.18 3.10
C VAL A 247 -8.61 -37.66 3.31
N GLY A 248 -7.40 -38.07 2.93
CA GLY A 248 -6.99 -39.44 3.08
C GLY A 248 -6.32 -39.72 4.40
N TRP A 249 -6.00 -40.98 4.64
CA TRP A 249 -5.37 -41.41 5.90
C TRP A 249 -4.04 -42.11 5.65
N LEU A 250 -3.02 -41.72 6.40
CA LEU A 250 -1.79 -42.49 6.47
C LEU A 250 -1.82 -43.30 7.77
N ILE A 251 -1.78 -44.62 7.64
CA ILE A 251 -1.91 -45.49 8.81
C ILE A 251 -0.77 -46.50 8.88
N THR A 252 -0.13 -46.59 10.05
CA THR A 252 0.88 -47.61 10.26
C THR A 252 0.33 -48.66 11.24
N PHE A 253 0.60 -49.93 10.93
CA PHE A 253 0.08 -51.02 11.74
C PHE A 253 1.22 -51.65 12.54
N CYS A 254 1.07 -51.65 13.85
CA CYS A 254 2.11 -52.14 14.75
C CYS A 254 1.64 -53.40 15.47
N SER A 255 2.49 -54.42 15.47
CA SER A 255 2.25 -55.62 16.28
C SER A 255 3.55 -56.02 16.94
N LYS A 256 3.48 -57.00 17.84
CA LYS A 256 4.65 -57.43 18.61
C LYS A 256 5.78 -57.94 17.71
N GLY A 257 7.00 -57.45 17.95
CA GLY A 257 8.17 -57.89 17.22
C GLY A 257 8.15 -57.54 15.75
N GLU A 258 7.55 -56.40 15.42
CA GLU A 258 7.49 -55.93 14.04
C GLU A 258 7.86 -54.45 13.98
N ASP A 259 8.67 -54.08 12.99
CA ASP A 259 9.04 -52.69 12.78
C ASP A 259 7.88 -51.90 12.17
N CYS A 260 7.58 -50.74 12.75
CA CYS A 260 6.62 -49.82 12.13
C CYS A 260 7.10 -48.40 12.32
N LEU A 261 6.30 -47.43 11.88
CA LEU A 261 6.66 -46.03 12.01
C LEU A 261 6.78 -45.63 13.48
N THR A 262 7.96 -45.15 13.88
CA THR A 262 8.15 -44.67 15.24
C THR A 262 7.30 -43.43 15.49
N SER A 263 7.10 -43.11 16.77
CA SER A 263 6.29 -41.96 17.17
C SER A 263 6.84 -40.67 16.60
N GLN A 264 8.16 -40.56 16.52
CA GLN A 264 8.78 -39.33 16.03
C GLN A 264 8.54 -39.18 14.53
N THR A 265 8.65 -40.28 13.80
CA THR A 265 8.35 -40.28 12.36
C THR A 265 6.89 -39.92 12.12
N ARG A 266 6.01 -40.48 12.95
CA ARG A 266 4.58 -40.20 12.86
C ARG A 266 4.27 -38.72 13.06
N LEU A 267 4.94 -38.11 14.03
CA LEU A 267 4.77 -36.69 14.30
C LEU A 267 5.29 -35.82 13.17
N ARG A 268 6.44 -36.19 12.61
CA ARG A 268 7.01 -35.48 11.47
C ARG A 268 6.02 -35.41 10.32
N LEU A 269 5.50 -36.57 9.94
CA LEU A 269 4.56 -36.66 8.83
C LEU A 269 3.29 -35.88 9.10
N SER A 270 2.87 -35.85 10.36
CA SER A 270 1.64 -35.17 10.74
C SER A 270 1.72 -33.67 10.40
N GLY A 271 2.83 -33.05 10.77
CA GLY A 271 3.05 -31.65 10.47
C GLY A 271 3.31 -31.40 9.00
N MET A 272 4.02 -32.33 8.36
CA MET A 272 4.34 -32.19 6.94
C MET A 272 3.10 -32.32 6.07
N LEU A 273 2.12 -33.08 6.53
CA LEU A 273 0.93 -33.37 5.73
C LEU A 273 -0.32 -32.72 6.28
N ASP A 274 -0.14 -31.73 7.15
CA ASP A 274 -1.26 -31.06 7.81
C ASP A 274 -2.29 -30.57 6.81
N GLY A 275 -3.52 -31.03 6.98
CA GLY A 275 -4.61 -30.61 6.12
C GLY A 275 -4.70 -31.42 4.84
N LEU A 276 -3.63 -32.16 4.54
CA LEU A 276 -3.59 -32.99 3.34
C LEU A 276 -4.00 -34.42 3.65
N VAL A 277 -3.38 -34.99 4.67
CA VAL A 277 -3.53 -36.39 5.02
C VAL A 277 -3.47 -36.55 6.54
N ASN A 278 -4.43 -37.29 7.11
CA ASN A 278 -4.38 -37.57 8.54
C ASN A 278 -3.43 -38.72 8.83
N VAL A 279 -2.60 -38.55 9.85
CA VAL A 279 -1.65 -39.59 10.25
C VAL A 279 -2.19 -40.34 11.46
N GLY A 280 -2.13 -41.67 11.41
CA GLY A 280 -2.62 -42.48 12.51
C GLY A 280 -1.91 -43.80 12.60
N TRP A 281 -2.18 -44.54 13.67
CA TRP A 281 -1.61 -45.87 13.82
C TRP A 281 -2.58 -46.83 14.51
N VAL A 282 -2.34 -48.11 14.31
CA VAL A 282 -3.12 -49.16 14.92
C VAL A 282 -2.21 -50.15 15.62
N ASP A 283 -2.50 -50.43 16.88
CA ASP A 283 -1.87 -51.54 17.58
C ASP A 283 -2.69 -52.80 17.29
N CYS A 284 -2.12 -53.71 16.53
CA CYS A 284 -2.87 -54.86 16.03
C CYS A 284 -3.14 -55.91 17.11
N ASP A 285 -2.32 -55.95 18.15
CA ASP A 285 -2.56 -56.88 19.26
C ASP A 285 -3.78 -56.42 20.06
N ALA A 286 -3.89 -55.10 20.21
CA ALA A 286 -5.00 -54.50 20.94
C ALA A 286 -6.24 -54.38 20.08
N GLN A 287 -6.05 -54.37 18.76
CA GLN A 287 -7.15 -54.19 17.82
C GLN A 287 -7.21 -55.34 16.83
N ASP A 288 -7.20 -56.57 17.34
CA ASP A 288 -7.13 -57.78 16.53
C ASP A 288 -8.20 -57.85 15.44
N SER A 289 -9.45 -57.61 15.82
CA SER A 289 -10.56 -57.75 14.88
C SER A 289 -10.51 -56.71 13.78
N LEU A 290 -9.88 -55.57 14.05
CA LEU A 290 -9.71 -54.54 13.05
C LEU A 290 -8.64 -54.94 12.04
N CYS A 291 -7.55 -55.51 12.54
CA CYS A 291 -6.44 -55.90 11.68
C CYS A 291 -6.76 -57.17 10.88
N LYS A 292 -7.66 -57.99 11.42
CA LYS A 292 -8.13 -59.16 10.69
C LYS A 292 -9.07 -58.70 9.57
N SER A 293 -9.95 -57.77 9.92
CA SER A 293 -10.92 -57.20 8.98
C SER A 293 -10.22 -56.55 7.78
N LEU A 294 -9.08 -55.92 8.03
CA LEU A 294 -8.31 -55.25 6.99
C LEU A 294 -7.32 -56.19 6.31
N ASP A 295 -7.16 -57.39 6.91
CA ASP A 295 -6.23 -58.40 6.41
C ASP A 295 -4.80 -57.87 6.31
N THR A 296 -4.38 -57.11 7.31
CA THR A 296 -3.00 -56.64 7.39
C THR A 296 -2.37 -57.14 8.68
N THR A 297 -2.05 -58.43 8.71
CA THR A 297 -1.57 -59.07 9.94
C THR A 297 -0.17 -58.60 10.31
N ALA A 298 0.67 -58.39 9.32
CA ALA A 298 2.04 -57.98 9.56
C ALA A 298 2.16 -56.47 9.72
N SER A 299 3.39 -55.99 9.82
CA SER A 299 3.65 -54.56 9.90
C SER A 299 3.65 -53.97 8.49
N THR A 300 2.66 -53.12 8.22
CA THR A 300 2.61 -52.39 6.97
C THR A 300 2.31 -50.93 7.24
N THR A 301 2.73 -50.06 6.32
CA THR A 301 2.34 -48.67 6.34
C THR A 301 1.61 -48.38 5.05
N ALA A 302 0.40 -47.84 5.16
CA ALA A 302 -0.46 -47.71 4.01
C ALA A 302 -1.11 -46.33 3.97
N TYR A 303 -1.19 -45.76 2.76
CA TYR A 303 -1.95 -44.55 2.54
C TYR A 303 -3.31 -44.90 1.94
N PHE A 304 -4.37 -44.44 2.59
CA PHE A 304 -5.74 -44.67 2.12
C PHE A 304 -6.33 -43.40 1.52
N PRO A 305 -6.40 -43.32 0.19
CA PRO A 305 -7.05 -42.19 -0.47
C PRO A 305 -8.55 -42.20 -0.21
N PRO A 306 -9.22 -41.06 -0.31
CA PRO A 306 -10.69 -41.09 -0.22
C PRO A 306 -11.27 -42.07 -1.23
N GLY A 307 -12.20 -42.91 -0.79
CA GLY A 307 -12.78 -43.93 -1.64
C GLY A 307 -12.12 -45.30 -1.50
N ALA A 308 -11.00 -45.34 -0.78
CA ALA A 308 -10.24 -46.58 -0.62
C ALA A 308 -11.01 -47.65 0.15
N THR A 309 -10.75 -48.89 -0.21
CA THR A 309 -11.36 -50.04 0.45
C THR A 309 -10.29 -51.10 0.70
N LEU A 310 -10.26 -51.64 1.92
CA LEU A 310 -9.27 -52.65 2.24
C LEU A 310 -9.88 -53.83 2.97
N ASN A 311 -9.65 -55.03 2.42
CA ASN A 311 -9.98 -56.28 3.09
C ASN A 311 -9.17 -57.42 2.46
N ASP A 312 -9.55 -58.65 2.79
CA ASP A 312 -8.78 -59.81 2.35
C ASP A 312 -8.81 -60.03 0.84
N ARG A 313 -9.84 -59.51 0.18
CA ARG A 313 -10.01 -59.71 -1.25
C ARG A 313 -9.69 -58.46 -2.07
N GLU A 314 -9.73 -57.29 -1.45
CA GLU A 314 -9.55 -56.03 -2.16
C GLU A 314 -8.42 -55.20 -1.55
N LYS A 315 -7.36 -54.98 -2.31
CA LYS A 315 -6.19 -54.24 -1.81
C LYS A 315 -5.67 -53.22 -2.82
N SER A 316 -6.30 -53.13 -3.97
CA SER A 316 -5.81 -52.27 -5.05
C SER A 316 -6.01 -50.77 -4.76
N SER A 317 -7.03 -50.44 -3.97
CA SER A 317 -7.33 -49.05 -3.63
C SER A 317 -6.18 -48.40 -2.86
N VAL A 318 -5.51 -49.19 -2.03
CA VAL A 318 -4.57 -48.68 -1.04
C VAL A 318 -3.14 -48.59 -1.58
N LEU A 319 -2.41 -47.58 -1.14
CA LEU A 319 -0.99 -47.46 -1.47
C LEU A 319 -0.13 -47.92 -0.29
N PHE A 320 0.45 -49.11 -0.43
CA PHE A 320 1.34 -49.62 0.61
C PHE A 320 2.73 -49.02 0.43
N LEU A 321 3.37 -48.66 1.53
CA LEU A 321 4.69 -48.03 1.50
C LEU A 321 5.76 -48.95 2.09
N ASN A 322 7.00 -48.79 1.63
CA ASN A 322 8.08 -49.64 2.09
C ASN A 322 9.05 -48.92 3.02
N SER A 323 9.00 -47.59 3.01
CA SER A 323 9.94 -46.81 3.80
C SER A 323 9.50 -46.70 5.27
N LEU A 324 10.46 -46.37 6.13
CA LEU A 324 10.18 -46.09 7.53
C LEU A 324 10.56 -44.65 7.84
N ASP A 325 11.08 -43.97 6.82
CA ASP A 325 11.55 -42.59 6.96
C ASP A 325 10.47 -41.58 6.53
N ALA A 326 10.36 -40.51 7.31
CA ALA A 326 9.30 -39.52 7.12
C ALA A 326 9.34 -38.83 5.75
N LYS A 327 10.52 -38.35 5.35
CA LYS A 327 10.65 -37.57 4.12
C LYS A 327 10.46 -38.46 2.89
N GLU A 328 10.97 -39.69 2.96
CA GLU A 328 10.81 -40.64 1.88
C GLU A 328 9.33 -40.98 1.69
N ILE A 329 8.61 -41.09 2.81
CA ILE A 329 7.18 -41.38 2.78
C ILE A 329 6.40 -40.15 2.31
N TYR A 330 6.79 -38.97 2.79
CA TYR A 330 6.16 -37.73 2.37
C TYR A 330 6.29 -37.53 0.85
N MET A 331 7.49 -37.72 0.33
CA MET A 331 7.76 -37.50 -1.09
C MET A 331 6.91 -38.41 -1.97
N GLU A 332 6.78 -39.67 -1.55
CA GLU A 332 5.96 -40.62 -2.29
C GLU A 332 4.49 -40.23 -2.24
N ILE A 333 4.03 -39.85 -1.05
CA ILE A 333 2.64 -39.47 -0.87
C ILE A 333 2.25 -38.19 -1.60
N ILE A 334 3.07 -37.14 -1.48
CA ILE A 334 2.73 -35.86 -2.10
C ILE A 334 2.68 -35.99 -3.63
N HIS A 335 3.45 -36.92 -4.17
CA HIS A 335 3.44 -37.18 -5.61
C HIS A 335 2.21 -37.99 -6.03
N ASN A 336 1.72 -38.84 -5.14
CA ASN A 336 0.57 -39.69 -5.44
C ASN A 336 -0.78 -38.98 -5.25
N LEU A 337 -0.78 -37.91 -4.46
CA LEU A 337 -2.00 -37.12 -4.28
C LEU A 337 -2.51 -36.63 -5.63
N PRO A 338 -3.84 -36.59 -5.81
CA PRO A 338 -4.43 -36.16 -7.08
C PRO A 338 -4.11 -34.72 -7.43
N ASP A 339 -4.08 -34.42 -8.72
CA ASP A 339 -3.86 -33.05 -9.20
C ASP A 339 -5.12 -32.22 -8.96
N PHE A 340 -5.03 -30.94 -9.24
CA PHE A 340 -6.21 -30.07 -9.14
C PHE A 340 -7.24 -30.50 -10.16
N GLU A 341 -8.51 -30.33 -9.83
CA GLU A 341 -9.58 -30.66 -10.77
C GLU A 341 -9.46 -29.81 -12.03
N LEU A 342 -9.65 -30.45 -13.17
CA LEU A 342 -9.63 -29.77 -14.45
C LEU A 342 -10.97 -29.09 -14.71
N LEU A 343 -10.96 -27.76 -14.73
CA LEU A 343 -12.17 -26.96 -14.87
C LEU A 343 -12.77 -27.06 -16.28
N SER A 344 -14.06 -27.31 -16.35
CA SER A 344 -14.78 -27.34 -17.62
C SER A 344 -14.98 -25.93 -18.16
N ALA A 345 -14.70 -25.72 -19.44
CA ALA A 345 -14.89 -24.43 -20.08
C ALA A 345 -16.37 -24.06 -20.19
N ASN A 346 -17.21 -25.09 -20.14
CA ASN A 346 -18.65 -24.94 -20.26
C ASN A 346 -19.25 -24.12 -19.12
N GLN A 347 -18.65 -24.21 -17.95
CA GLN A 347 -19.16 -23.54 -16.75
C GLN A 347 -18.97 -22.03 -16.75
N LEU A 348 -17.84 -21.61 -17.29
CA LEU A 348 -17.29 -20.25 -17.10
C LEU A 348 -18.28 -19.12 -17.37
N GLU A 349 -17.90 -17.94 -16.87
CA GLU A 349 -18.72 -16.73 -16.79
C GLU A 349 -19.74 -16.83 -15.66
N ASP A 350 -20.62 -17.83 -15.72
CA ASP A 350 -21.58 -18.04 -14.65
C ASP A 350 -20.86 -18.53 -13.40
N ARG A 351 -20.07 -19.59 -13.57
CA ARG A 351 -19.34 -20.20 -12.47
C ARG A 351 -18.23 -19.29 -11.95
N LEU A 352 -17.55 -18.62 -12.87
CA LEU A 352 -16.41 -17.78 -12.54
C LEU A 352 -16.79 -16.51 -11.76
N ALA A 353 -18.01 -16.03 -11.97
CA ALA A 353 -18.43 -14.77 -11.37
C ALA A 353 -19.04 -14.95 -9.99
N HIS A 354 -19.41 -16.18 -9.65
CA HIS A 354 -20.18 -16.43 -8.43
C HIS A 354 -19.42 -17.26 -7.40
N HIS A 355 -18.18 -17.61 -7.71
CA HIS A 355 -17.36 -18.38 -6.78
C HIS A 355 -15.91 -17.92 -6.81
N ARG A 356 -15.21 -18.19 -5.72
CA ARG A 356 -13.78 -17.92 -5.64
C ARG A 356 -13.00 -19.06 -6.27
N TRP A 357 -12.16 -18.73 -7.24
CA TRP A 357 -11.38 -19.74 -7.95
C TRP A 357 -9.92 -19.33 -8.03
N LEU A 358 -9.04 -20.31 -7.86
CA LEU A 358 -7.63 -20.13 -8.20
C LEU A 358 -7.34 -21.01 -9.39
N VAL A 359 -7.14 -20.39 -10.56
CA VAL A 359 -7.06 -21.13 -11.81
C VAL A 359 -5.64 -21.19 -12.35
N PHE A 360 -5.14 -22.40 -12.59
CA PHE A 360 -3.89 -22.60 -13.30
C PHE A 360 -4.16 -22.76 -14.79
N PHE A 361 -4.03 -21.67 -15.55
CA PHE A 361 -4.20 -21.75 -17.00
C PHE A 361 -2.98 -22.41 -17.65
N HIS A 362 -3.21 -23.48 -18.41
N HIS A 362 -3.25 -23.48 -18.40
CA HIS A 362 -2.12 -24.10 -19.12
CA HIS A 362 -2.21 -24.23 -19.10
C HIS A 362 -2.52 -24.41 -20.57
C HIS A 362 -2.51 -24.33 -20.59
N PHE A 363 -1.51 -24.66 -21.39
CA PHE A 363 -1.71 -24.87 -22.83
C PHE A 363 -1.29 -26.26 -23.25
N GLY A 364 -2.12 -27.26 -22.98
CA GLY A 364 -1.83 -28.64 -23.33
C GLY A 364 -1.01 -29.35 -22.27
N LYS A 365 0.17 -28.80 -21.97
CA LYS A 365 1.06 -29.40 -20.98
C LYS A 365 0.79 -28.88 -19.57
N ASN A 366 0.60 -29.79 -18.63
CA ASN A 366 0.44 -29.43 -17.23
C ASN A 366 1.77 -28.93 -16.66
N GLU A 367 1.91 -27.62 -16.56
CA GLU A 367 3.16 -27.00 -16.16
C GLU A 367 3.49 -27.20 -14.67
N ASN A 368 2.55 -27.77 -13.92
CA ASN A 368 2.75 -28.00 -12.49
C ASN A 368 3.33 -29.38 -12.18
N ALA A 369 3.70 -30.11 -13.23
CA ALA A 369 4.17 -31.48 -13.09
C ALA A 369 5.40 -31.59 -12.19
N ASN A 370 6.23 -30.55 -12.19
CA ASN A 370 7.46 -30.60 -11.43
C ASN A 370 7.35 -30.14 -9.97
N ASP A 371 6.16 -29.75 -9.53
CA ASP A 371 6.00 -29.26 -8.16
C ASP A 371 4.73 -29.75 -7.44
N PRO A 372 4.77 -30.98 -6.90
CA PRO A 372 3.61 -31.54 -6.19
C PRO A 372 3.26 -30.75 -4.92
N GLU A 373 4.19 -29.95 -4.42
N GLU A 373 4.20 -29.95 -4.42
CA GLU A 373 3.98 -29.16 -3.21
CA GLU A 373 3.99 -29.14 -3.22
C GLU A 373 2.83 -28.15 -3.36
C GLU A 373 2.79 -28.20 -3.37
N LEU A 374 2.49 -27.81 -4.61
CA LEU A 374 1.40 -26.88 -4.89
C LEU A 374 0.03 -27.44 -4.52
N LYS A 375 -0.05 -28.76 -4.36
CA LYS A 375 -1.30 -29.42 -4.00
C LYS A 375 -1.79 -28.99 -2.62
N LYS A 376 -0.88 -28.45 -1.81
CA LYS A 376 -1.21 -27.96 -0.48
C LYS A 376 -2.13 -26.73 -0.52
N LEU A 377 -2.24 -26.11 -1.70
CA LEU A 377 -3.08 -24.93 -1.86
C LEU A 377 -4.55 -25.22 -1.56
N LYS A 378 -5.00 -26.44 -1.86
CA LYS A 378 -6.38 -26.84 -1.59
C LYS A 378 -6.72 -26.67 -0.13
N THR A 379 -5.91 -27.29 0.73
CA THR A 379 -6.21 -27.26 2.16
C THR A 379 -5.89 -25.91 2.77
N LEU A 380 -4.83 -25.26 2.31
CA LEU A 380 -4.44 -23.96 2.84
C LEU A 380 -5.47 -22.88 2.49
N LEU A 381 -6.17 -23.04 1.38
CA LEU A 381 -7.14 -22.04 0.95
C LEU A 381 -8.58 -22.48 1.19
N LYS A 382 -8.77 -23.53 1.99
CA LYS A 382 -10.10 -24.04 2.25
C LYS A 382 -10.98 -23.04 3.00
N ASN A 383 -10.39 -22.30 3.93
CA ASN A 383 -11.14 -21.34 4.73
C ASN A 383 -11.43 -20.04 3.98
N GLU A 384 -10.73 -19.83 2.87
CA GLU A 384 -10.99 -18.68 2.01
C GLU A 384 -12.07 -19.01 0.99
N HIS A 385 -12.54 -20.26 1.04
CA HIS A 385 -13.56 -20.77 0.13
C HIS A 385 -13.14 -20.67 -1.34
N ILE A 386 -11.86 -20.89 -1.60
CA ILE A 386 -11.34 -20.89 -2.96
C ILE A 386 -11.16 -22.32 -3.48
N GLN A 387 -11.65 -22.56 -4.69
CA GLN A 387 -11.41 -23.84 -5.34
C GLN A 387 -10.19 -23.72 -6.25
N VAL A 388 -9.17 -24.52 -6.00
CA VAL A 388 -7.98 -24.49 -6.82
C VAL A 388 -8.15 -25.45 -8.00
N VAL A 389 -8.12 -24.91 -9.20
CA VAL A 389 -8.38 -25.70 -10.41
C VAL A 389 -7.36 -25.48 -11.51
N ARG A 390 -7.34 -26.41 -12.46
CA ARG A 390 -6.58 -26.30 -13.70
C ARG A 390 -7.53 -25.95 -14.85
N PHE A 391 -7.06 -25.15 -15.81
CA PHE A 391 -7.84 -24.93 -17.02
C PHE A 391 -6.99 -25.06 -18.27
N ASP A 392 -7.48 -25.87 -19.21
CA ASP A 392 -6.77 -26.14 -20.45
C ASP A 392 -7.19 -25.15 -21.53
N CYS A 393 -6.27 -24.25 -21.90
CA CYS A 393 -6.55 -23.26 -22.95
C CYS A 393 -6.62 -23.90 -24.33
N SER A 394 -6.07 -25.11 -24.46
CA SER A 394 -6.10 -25.81 -25.74
C SER A 394 -7.45 -26.49 -25.98
N SER A 395 -8.31 -26.45 -24.98
CA SER A 395 -9.65 -27.03 -25.10
C SER A 395 -10.69 -25.96 -25.39
N ALA A 396 -10.32 -24.70 -25.15
CA ALA A 396 -11.18 -23.57 -25.47
C ALA A 396 -10.35 -22.28 -25.57
N PRO A 397 -9.67 -22.09 -26.71
CA PRO A 397 -8.72 -21.00 -26.93
C PRO A 397 -9.34 -19.61 -26.80
N GLY A 398 -10.59 -19.47 -27.24
CA GLY A 398 -11.27 -18.18 -27.20
C GLY A 398 -11.44 -17.69 -25.78
N ILE A 399 -11.58 -18.62 -24.85
CA ILE A 399 -11.74 -18.28 -23.44
C ILE A 399 -10.47 -17.63 -22.90
N CYS A 400 -9.32 -18.23 -23.18
CA CYS A 400 -8.05 -17.70 -22.72
C CYS A 400 -7.67 -16.41 -23.47
N SER A 401 -8.05 -16.34 -24.75
CA SER A 401 -7.78 -15.16 -25.55
C SER A 401 -8.49 -13.94 -24.98
N ASP A 402 -9.80 -14.04 -24.79
CA ASP A 402 -10.60 -12.92 -24.29
C ASP A 402 -10.22 -12.54 -22.85
N LEU A 403 -9.44 -13.39 -22.20
CA LEU A 403 -8.89 -13.10 -20.89
C LEU A 403 -7.50 -12.51 -21.04
N TYR A 404 -7.04 -12.43 -22.29
CA TYR A 404 -5.68 -12.03 -22.61
C TYR A 404 -4.65 -12.91 -21.91
N VAL A 405 -4.92 -14.22 -21.90
CA VAL A 405 -3.96 -15.20 -21.43
C VAL A 405 -3.35 -15.89 -22.64
N PHE A 406 -2.04 -15.73 -22.80
CA PHE A 406 -1.36 -16.21 -24.00
C PHE A 406 -0.26 -17.21 -23.65
N GLN A 407 0.16 -17.18 -22.39
CA GLN A 407 1.10 -18.17 -21.87
C GLN A 407 0.50 -18.70 -20.56
N PRO A 408 1.00 -19.86 -20.08
CA PRO A 408 0.53 -20.37 -18.79
C PRO A 408 0.58 -19.30 -17.70
N SER A 409 -0.55 -19.12 -17.01
CA SER A 409 -0.66 -18.07 -16.01
C SER A 409 -1.54 -18.50 -14.86
N LEU A 410 -1.41 -17.79 -13.74
CA LEU A 410 -2.20 -18.07 -12.56
C LEU A 410 -3.12 -16.90 -12.21
N ALA A 411 -4.41 -17.19 -12.06
CA ALA A 411 -5.40 -16.15 -11.78
C ALA A 411 -6.32 -16.54 -10.64
N VAL A 412 -6.64 -15.59 -9.77
CA VAL A 412 -7.58 -15.82 -8.69
C VAL A 412 -8.82 -14.91 -8.84
N PHE A 413 -9.99 -15.53 -8.86
CA PHE A 413 -11.25 -14.81 -9.05
C PHE A 413 -11.97 -14.54 -7.73
N LYS A 414 -12.59 -13.37 -7.63
CA LYS A 414 -13.20 -12.92 -6.37
C LYS A 414 -14.62 -13.45 -6.18
N GLY A 415 -15.27 -13.80 -7.30
CA GLY A 415 -16.61 -14.38 -7.29
C GLY A 415 -17.67 -13.73 -6.41
N GLN A 416 -17.89 -12.43 -6.58
CA GLN A 416 -18.90 -11.71 -5.82
C GLN A 416 -20.07 -11.27 -6.68
N GLY A 417 -20.24 -11.92 -7.84
CA GLY A 417 -21.31 -11.58 -8.75
C GLY A 417 -20.78 -11.24 -10.14
N THR A 418 -19.60 -10.66 -10.19
CA THR A 418 -18.96 -10.32 -11.46
C THR A 418 -17.65 -11.08 -11.61
N LYS A 419 -17.17 -11.20 -12.85
CA LYS A 419 -15.87 -11.81 -13.09
C LYS A 419 -14.76 -10.80 -12.78
N GLU A 420 -14.20 -10.89 -11.59
CA GLU A 420 -13.13 -10.02 -11.15
C GLU A 420 -11.93 -10.86 -10.75
N TYR A 421 -10.74 -10.51 -11.24
CA TYR A 421 -9.57 -11.35 -10.99
C TYR A 421 -8.27 -10.57 -11.01
N GLU A 422 -7.23 -11.18 -10.45
CA GLU A 422 -5.87 -10.69 -10.62
C GLU A 422 -4.98 -11.81 -11.14
N ILE A 423 -3.96 -11.45 -11.91
CA ILE A 423 -2.97 -12.41 -12.37
C ILE A 423 -1.75 -12.38 -11.45
N HIS A 424 -1.25 -13.55 -11.08
CA HIS A 424 -0.09 -13.66 -10.21
C HIS A 424 1.19 -13.38 -11.00
N HIS A 425 2.01 -12.47 -10.49
CA HIS A 425 3.28 -12.12 -11.15
C HIS A 425 4.47 -12.38 -10.23
N GLY A 426 4.26 -13.13 -9.17
CA GLY A 426 5.34 -13.47 -8.25
C GLY A 426 6.02 -14.77 -8.63
N LYS A 427 6.81 -15.31 -7.71
CA LYS A 427 7.50 -16.58 -7.92
C LYS A 427 6.49 -17.72 -7.99
N LYS A 428 6.71 -18.66 -8.90
CA LYS A 428 5.85 -19.84 -9.01
C LYS A 428 6.25 -20.83 -7.91
N ILE A 429 5.97 -20.45 -6.68
CA ILE A 429 6.33 -21.25 -5.51
C ILE A 429 5.21 -21.12 -4.49
N LEU A 430 5.01 -22.16 -3.67
CA LEU A 430 3.80 -22.29 -2.85
C LEU A 430 3.53 -21.10 -1.94
N TYR A 431 4.52 -20.68 -1.14
CA TYR A 431 4.28 -19.64 -0.16
C TYR A 431 3.97 -18.29 -0.80
N ASP A 432 4.58 -18.03 -1.96
CA ASP A 432 4.35 -16.77 -2.64
C ASP A 432 2.98 -16.78 -3.32
N ILE A 433 2.62 -17.90 -3.92
CA ILE A 433 1.32 -18.07 -4.56
C ILE A 433 0.18 -17.95 -3.56
N LEU A 434 0.32 -18.65 -2.44
CA LEU A 434 -0.66 -18.64 -1.36
C LEU A 434 -0.90 -17.22 -0.83
N ALA A 435 0.19 -16.53 -0.53
CA ALA A 435 0.14 -15.14 -0.06
C ALA A 435 -0.63 -14.25 -1.04
N PHE A 436 -0.37 -14.45 -2.33
CA PHE A 436 -1.05 -13.68 -3.37
C PHE A 436 -2.54 -13.98 -3.43
N ALA A 437 -2.87 -15.27 -3.48
CA ALA A 437 -4.25 -15.71 -3.64
C ALA A 437 -5.18 -15.14 -2.55
N LYS A 438 -4.73 -15.22 -1.31
CA LYS A 438 -5.52 -14.75 -0.18
C LYS A 438 -5.62 -13.22 -0.17
N GLU A 439 -4.51 -12.55 -0.40
CA GLU A 439 -4.49 -11.09 -0.36
C GLU A 439 -5.32 -10.50 -1.49
N SER A 440 -5.22 -11.10 -2.68
CA SER A 440 -5.93 -10.60 -3.84
C SER A 440 -7.43 -10.87 -3.76
N VAL A 441 -7.80 -12.06 -3.31
CA VAL A 441 -9.22 -12.45 -3.29
C VAL A 441 -10.00 -11.66 -2.23
N ASN A 442 -9.30 -11.13 -1.24
CA ASN A 442 -9.94 -10.38 -0.16
C ASN A 442 -9.83 -8.87 -0.32
N SER A 443 -9.28 -8.43 -1.45
CA SER A 443 -9.19 -7.01 -1.76
C SER A 443 -9.99 -6.70 -3.02
N HIS A 444 -9.83 -5.50 -3.56
CA HIS A 444 -10.72 -5.06 -4.62
C HIS A 444 -10.01 -4.41 -5.80
N VAL A 445 -8.81 -4.90 -6.09
CA VAL A 445 -8.10 -4.54 -7.32
C VAL A 445 -8.48 -5.53 -8.43
N THR A 446 -8.90 -5.03 -9.58
CA THR A 446 -9.28 -5.92 -10.68
C THR A 446 -8.40 -5.70 -11.92
N THR A 447 -8.45 -6.66 -12.84
CA THR A 447 -7.61 -6.62 -14.03
C THR A 447 -8.35 -5.96 -15.20
N LEU A 448 -7.72 -4.95 -15.78
CA LEU A 448 -8.35 -4.20 -16.86
C LEU A 448 -7.77 -4.58 -18.22
N GLY A 449 -8.50 -4.21 -19.27
CA GLY A 449 -8.06 -4.40 -20.64
C GLY A 449 -8.89 -3.48 -21.52
N PRO A 450 -8.73 -3.58 -22.84
CA PRO A 450 -9.44 -2.72 -23.79
C PRO A 450 -10.95 -2.82 -23.69
N GLN A 451 -11.47 -3.95 -23.20
CA GLN A 451 -12.91 -4.20 -23.19
C GLN A 451 -13.61 -3.61 -21.97
N ASN A 452 -12.87 -3.46 -20.86
CA ASN A 452 -13.47 -2.97 -19.63
C ASN A 452 -12.77 -1.74 -19.09
N PHE A 453 -12.11 -0.98 -19.95
CA PHE A 453 -11.35 0.17 -19.51
C PHE A 453 -12.26 1.38 -19.30
N PRO A 454 -12.10 2.04 -18.13
CA PRO A 454 -12.88 3.21 -17.73
C PRO A 454 -12.40 4.50 -18.39
N ALA A 455 -12.53 4.59 -19.72
CA ALA A 455 -12.06 5.74 -20.47
C ALA A 455 -13.00 6.94 -20.27
N SER A 456 -14.26 6.64 -20.01
CA SER A 456 -15.30 7.65 -19.86
C SER A 456 -16.37 7.14 -18.91
N ASP A 457 -15.98 6.94 -17.65
CA ASP A 457 -16.86 6.37 -16.64
C ASP A 457 -17.39 7.44 -15.68
N LYS A 458 -18.58 7.21 -15.14
CA LYS A 458 -19.17 8.15 -14.19
C LYS A 458 -18.44 8.14 -12.85
N GLU A 459 -18.23 6.95 -12.29
CA GLU A 459 -17.54 6.80 -11.02
C GLU A 459 -16.02 6.83 -11.22
N PRO A 460 -15.30 7.46 -10.27
CA PRO A 460 -13.84 7.62 -10.38
C PRO A 460 -13.07 6.29 -10.29
N TRP A 461 -12.03 6.17 -11.12
CA TRP A 461 -11.18 4.98 -11.13
C TRP A 461 -9.74 5.33 -10.82
N LEU A 462 -9.05 4.43 -10.13
CA LEU A 462 -7.60 4.50 -10.00
C LEU A 462 -6.99 3.39 -10.84
N VAL A 463 -6.25 3.78 -11.87
CA VAL A 463 -5.64 2.81 -12.78
C VAL A 463 -4.13 2.78 -12.63
N ASP A 464 -3.60 1.57 -12.43
CA ASP A 464 -2.16 1.37 -12.31
C ASP A 464 -1.59 0.75 -13.58
N PHE A 465 -0.88 1.56 -14.35
CA PHE A 465 -0.16 1.08 -15.53
C PHE A 465 1.20 0.55 -15.10
N PHE A 466 1.50 -0.68 -15.47
CA PHE A 466 2.70 -1.35 -14.97
C PHE A 466 3.23 -2.44 -15.91
N ALA A 467 4.43 -2.91 -15.60
CA ALA A 467 4.99 -4.09 -16.22
C ALA A 467 5.31 -5.13 -15.15
N PRO A 468 4.93 -6.39 -15.38
CA PRO A 468 5.21 -7.45 -14.39
C PRO A 468 6.71 -7.64 -14.13
N TRP A 469 7.56 -7.34 -15.11
CA TRP A 469 9.01 -7.50 -14.93
C TRP A 469 9.61 -6.41 -14.06
N SER A 470 8.78 -5.44 -13.66
CA SER A 470 9.24 -4.31 -12.87
C SER A 470 9.06 -4.55 -11.37
N PRO A 471 10.17 -4.67 -10.64
CA PRO A 471 10.05 -4.93 -9.20
C PRO A 471 9.35 -3.82 -8.41
N PRO A 472 9.57 -2.52 -8.74
CA PRO A 472 8.71 -1.57 -8.04
C PRO A 472 7.23 -1.67 -8.42
N SER A 473 6.93 -2.12 -9.64
CA SER A 473 5.55 -2.32 -10.04
C SER A 473 4.88 -3.43 -9.22
N ARG A 474 5.55 -4.56 -9.11
CA ARG A 474 5.05 -5.68 -8.33
C ARG A 474 4.91 -5.30 -6.85
N ALA A 475 5.87 -4.52 -6.36
CA ALA A 475 5.90 -4.11 -4.96
C ALA A 475 4.74 -3.19 -4.59
N LEU A 476 4.25 -2.43 -5.57
CA LEU A 476 3.14 -1.50 -5.34
C LEU A 476 1.82 -2.23 -5.09
N LEU A 477 1.69 -3.42 -5.66
CA LEU A 477 0.43 -4.15 -5.67
C LEU A 477 -0.20 -4.40 -4.28
N PRO A 478 0.61 -4.78 -3.27
CA PRO A 478 -0.03 -4.89 -1.95
C PRO A 478 -0.59 -3.58 -1.39
N GLU A 479 0.11 -2.47 -1.58
CA GLU A 479 -0.39 -1.16 -1.17
C GLU A 479 -1.73 -0.88 -1.84
N LEU A 480 -1.77 -1.12 -3.14
CA LEU A 480 -2.94 -0.88 -3.96
C LEU A 480 -4.13 -1.71 -3.47
N ARG A 481 -3.86 -2.96 -3.11
CA ARG A 481 -4.90 -3.85 -2.61
C ARG A 481 -5.46 -3.35 -1.29
N LYS A 482 -4.57 -2.93 -0.40
CA LYS A 482 -4.96 -2.43 0.91
C LYS A 482 -5.85 -1.21 0.77
N ALA A 483 -5.43 -0.27 -0.07
CA ALA A 483 -6.19 0.94 -0.30
C ALA A 483 -7.52 0.62 -0.97
N SER A 484 -7.55 -0.44 -1.77
CA SER A 484 -8.76 -0.79 -2.52
C SER A 484 -9.87 -1.22 -1.58
N THR A 485 -9.50 -1.89 -0.50
CA THR A 485 -10.48 -2.35 0.48
C THR A 485 -10.97 -1.20 1.34
N LEU A 486 -10.05 -0.35 1.77
CA LEU A 486 -10.41 0.81 2.60
C LEU A 486 -11.27 1.83 1.87
N LEU A 487 -11.19 1.82 0.54
CA LEU A 487 -11.88 2.84 -0.26
C LEU A 487 -13.04 2.26 -1.07
N TYR A 488 -13.42 1.03 -0.74
CA TYR A 488 -14.55 0.36 -1.37
C TYR A 488 -15.79 1.25 -1.34
N GLY A 489 -16.41 1.44 -2.49
CA GLY A 489 -17.60 2.26 -2.59
C GLY A 489 -17.31 3.71 -2.88
N GLN A 490 -16.05 4.09 -2.81
CA GLN A 490 -15.66 5.47 -3.10
C GLN A 490 -14.76 5.56 -4.32
N LEU A 491 -13.88 4.58 -4.47
CA LEU A 491 -12.96 4.55 -5.58
C LEU A 491 -12.77 3.13 -6.12
N LYS A 492 -12.89 2.97 -7.43
CA LYS A 492 -12.63 1.69 -8.06
C LYS A 492 -11.15 1.62 -8.45
N VAL A 493 -10.53 0.45 -8.26
CA VAL A 493 -9.12 0.29 -8.51
C VAL A 493 -8.83 -0.84 -9.49
N GLY A 494 -8.01 -0.57 -10.50
CA GLY A 494 -7.65 -1.58 -11.46
C GLY A 494 -6.20 -1.48 -11.89
N THR A 495 -5.66 -2.59 -12.37
CA THR A 495 -4.31 -2.60 -12.94
C THR A 495 -4.40 -2.85 -14.44
N LEU A 496 -3.46 -2.27 -15.19
CA LEU A 496 -3.37 -2.54 -16.61
C LEU A 496 -1.95 -2.98 -16.99
N ASP A 497 -1.87 -4.17 -17.57
CA ASP A 497 -0.59 -4.76 -17.96
C ASP A 497 -0.14 -4.19 -19.31
N CYS A 498 0.77 -3.21 -19.27
CA CYS A 498 1.23 -2.55 -20.48
C CYS A 498 2.04 -3.51 -21.37
N THR A 499 2.54 -4.57 -20.75
CA THR A 499 3.30 -5.59 -21.45
C THR A 499 2.39 -6.31 -22.45
N ILE A 500 1.08 -6.25 -22.20
CA ILE A 500 0.09 -6.87 -23.06
C ILE A 500 -0.73 -5.83 -23.84
N HIS A 501 -1.18 -4.80 -23.14
CA HIS A 501 -2.02 -3.77 -23.76
C HIS A 501 -1.21 -2.53 -24.08
N GLU A 502 -0.33 -2.66 -25.07
CA GLU A 502 0.59 -1.59 -25.46
C GLU A 502 -0.14 -0.38 -26.01
N GLY A 503 -1.20 -0.63 -26.77
CA GLY A 503 -1.97 0.42 -27.40
C GLY A 503 -2.64 1.34 -26.40
N LEU A 504 -3.11 0.77 -25.30
CA LEU A 504 -3.76 1.54 -24.24
C LEU A 504 -2.76 2.40 -23.47
N CYS A 505 -1.58 1.84 -23.19
CA CYS A 505 -0.57 2.59 -22.46
C CYS A 505 -0.02 3.74 -23.28
N ASN A 506 0.21 3.51 -24.56
CA ASN A 506 0.67 4.57 -25.44
C ASN A 506 -0.33 5.71 -25.49
N MET A 507 -1.61 5.36 -25.60
CA MET A 507 -2.68 6.33 -25.66
C MET A 507 -2.64 7.29 -24.48
N TYR A 508 -2.26 6.77 -23.32
CA TYR A 508 -2.24 7.59 -22.12
C TYR A 508 -0.81 7.94 -21.71
N ASN A 509 0.09 7.85 -22.68
CA ASN A 509 1.45 8.38 -22.54
C ASN A 509 2.21 7.83 -21.34
N ILE A 510 2.09 6.53 -21.10
CA ILE A 510 2.81 5.91 -20.01
C ILE A 510 4.28 5.76 -20.37
N GLN A 511 5.16 6.36 -19.58
CA GLN A 511 6.58 6.38 -19.89
C GLN A 511 7.43 5.59 -18.90
N ALA A 512 6.82 5.19 -17.78
CA ALA A 512 7.53 4.45 -16.75
C ALA A 512 6.58 3.61 -15.91
N TYR A 513 7.13 2.59 -15.25
CA TYR A 513 6.32 1.67 -14.45
C TYR A 513 6.80 1.64 -13.00
N PRO A 514 5.84 1.67 -12.06
CA PRO A 514 4.42 1.83 -12.37
C PRO A 514 4.00 3.29 -12.48
N THR A 515 2.91 3.55 -13.19
CA THR A 515 2.32 4.88 -13.24
C THR A 515 0.87 4.77 -12.81
N THR A 516 0.50 5.49 -11.76
CA THR A 516 -0.87 5.42 -11.29
C THR A 516 -1.63 6.68 -11.66
N VAL A 517 -2.82 6.48 -12.19
CA VAL A 517 -3.60 7.56 -12.78
C VAL A 517 -5.03 7.49 -12.27
N VAL A 518 -5.59 8.65 -11.93
CA VAL A 518 -6.99 8.73 -11.61
C VAL A 518 -7.79 9.15 -12.84
N PHE A 519 -8.79 8.35 -13.18
CA PHE A 519 -9.72 8.68 -14.25
C PHE A 519 -11.02 9.19 -13.66
N ASN A 520 -11.30 10.46 -13.86
CA ASN A 520 -12.53 11.06 -13.35
C ASN A 520 -13.36 11.68 -14.46
N GLN A 521 -14.42 10.99 -14.87
CA GLN A 521 -15.26 11.43 -15.98
C GLN A 521 -14.42 11.79 -17.19
N SER A 522 -13.57 10.84 -17.58
CA SER A 522 -12.66 10.96 -18.71
C SER A 522 -11.59 12.04 -18.55
N SER A 523 -11.45 12.56 -17.33
CA SER A 523 -10.34 13.44 -17.01
C SER A 523 -9.20 12.61 -16.43
N ILE A 524 -7.96 12.99 -16.74
CA ILE A 524 -6.81 12.19 -16.36
C ILE A 524 -5.88 12.95 -15.43
N HIS A 525 -5.66 12.39 -14.24
CA HIS A 525 -4.81 13.02 -13.24
C HIS A 525 -3.81 12.03 -12.68
N GLU A 526 -2.55 12.13 -13.11
CA GLU A 526 -1.53 11.23 -12.59
C GLU A 526 -1.34 11.48 -11.09
N TYR A 527 -1.24 10.40 -10.34
CA TYR A 527 -1.08 10.48 -8.90
C TYR A 527 0.32 10.09 -8.47
N GLU A 528 0.98 10.96 -7.74
CA GLU A 528 2.34 10.66 -7.28
C GLU A 528 2.50 10.88 -5.78
N GLY A 529 1.43 10.64 -5.04
CA GLY A 529 1.49 10.68 -3.58
C GLY A 529 1.71 9.29 -3.04
N HIS A 530 1.66 9.13 -1.72
CA HIS A 530 1.78 7.81 -1.13
C HIS A 530 0.50 7.04 -1.42
N HIS A 531 0.61 5.74 -1.66
CA HIS A 531 -0.57 4.95 -1.96
C HIS A 531 -1.21 4.41 -0.69
N SER A 532 -1.53 5.30 0.22
CA SER A 532 -2.36 4.98 1.37
C SER A 532 -3.76 5.49 1.09
N ALA A 533 -4.76 4.83 1.68
CA ALA A 533 -6.16 5.15 1.41
C ALA A 533 -6.53 6.59 1.73
N GLU A 534 -6.02 7.11 2.84
CA GLU A 534 -6.43 8.44 3.29
C GLU A 534 -5.93 9.53 2.32
N GLN A 535 -4.73 9.39 1.80
CA GLN A 535 -4.16 10.39 0.91
C GLN A 535 -4.71 10.29 -0.51
N ILE A 536 -5.03 9.07 -0.94
CA ILE A 536 -5.65 8.85 -2.23
C ILE A 536 -7.06 9.45 -2.23
N LEU A 537 -7.77 9.28 -1.11
CA LEU A 537 -9.13 9.79 -0.98
C LEU A 537 -9.15 11.31 -1.00
N GLU A 538 -8.23 11.92 -0.27
CA GLU A 538 -8.12 13.37 -0.22
C GLU A 538 -7.83 13.92 -1.60
N PHE A 539 -6.93 13.25 -2.31
CA PHE A 539 -6.56 13.62 -3.67
C PHE A 539 -7.78 13.55 -4.59
N ILE A 540 -8.60 12.53 -4.39
CA ILE A 540 -9.78 12.31 -5.21
C ILE A 540 -10.87 13.32 -4.88
N GLU A 541 -11.01 13.66 -3.60
CA GLU A 541 -12.02 14.62 -3.17
C GLU A 541 -11.73 16.01 -3.74
N ASP A 542 -10.45 16.33 -3.92
CA ASP A 542 -10.07 17.59 -4.53
C ASP A 542 -10.44 17.58 -6.02
N LEU A 543 -10.31 16.41 -6.65
CA LEU A 543 -10.61 16.28 -8.07
C LEU A 543 -12.06 16.59 -8.40
N ARG A 544 -12.97 16.14 -7.54
CA ARG A 544 -14.41 16.40 -7.74
C ARG A 544 -14.71 17.89 -7.66
N ASN A 545 -14.07 18.57 -6.71
CA ASN A 545 -14.24 20.00 -6.54
C ASN A 545 -12.90 20.72 -6.61
N PRO A 546 -12.43 21.00 -7.84
CA PRO A 546 -11.12 21.58 -8.10
C PRO A 546 -10.89 22.89 -7.35
N SER A 547 -9.72 23.04 -6.76
CA SER A 547 -9.38 24.26 -6.03
C SER A 547 -8.23 25.00 -6.71
N VAL A 548 -7.39 24.24 -7.40
CA VAL A 548 -6.24 24.80 -8.08
C VAL A 548 -6.40 24.70 -9.59
N VAL A 549 -6.25 25.84 -10.26
CA VAL A 549 -6.25 25.84 -11.71
C VAL A 549 -4.89 25.40 -12.23
N SER A 550 -4.87 24.35 -13.04
CA SER A 550 -3.62 23.93 -13.67
C SER A 550 -3.37 24.84 -14.86
N LEU A 551 -2.32 25.65 -14.78
CA LEU A 551 -2.10 26.72 -15.74
C LEU A 551 -1.07 26.34 -16.81
N THR A 552 -1.40 26.68 -18.05
CA THR A 552 -0.48 26.56 -19.17
C THR A 552 0.13 27.95 -19.44
N PRO A 553 1.26 28.00 -20.17
CA PRO A 553 1.81 29.30 -20.56
C PRO A 553 0.76 30.22 -21.19
N SER A 554 -0.08 29.64 -22.06
CA SER A 554 -1.16 30.37 -22.72
C SER A 554 -2.20 30.87 -21.73
N THR A 555 -2.51 30.06 -20.74
CA THR A 555 -3.62 30.35 -19.85
C THR A 555 -3.17 31.13 -18.60
N PHE A 556 -1.88 31.02 -18.27
CA PHE A 556 -1.26 31.88 -17.27
C PHE A 556 -1.25 33.30 -17.79
N ASN A 557 -0.88 33.44 -19.05
CA ASN A 557 -0.80 34.74 -19.71
C ASN A 557 -2.17 35.43 -19.75
N GLU A 558 -3.22 34.65 -20.01
CA GLU A 558 -4.56 35.20 -20.09
C GLU A 558 -5.20 35.49 -18.72
N LEU A 559 -4.99 34.60 -17.75
CA LEU A 559 -5.66 34.71 -16.45
C LEU A 559 -4.85 35.46 -15.39
N VAL A 560 -3.52 35.31 -15.43
CA VAL A 560 -2.66 35.95 -14.45
C VAL A 560 -2.03 37.23 -14.98
N LYS A 561 -1.29 37.12 -16.09
CA LYS A 561 -0.62 38.28 -16.65
C LYS A 561 -1.63 39.33 -17.07
N GLN A 562 -2.75 38.89 -17.63
CA GLN A 562 -3.81 39.80 -18.06
C GLN A 562 -4.97 39.79 -17.08
N ARG A 563 -4.67 39.61 -15.80
CA ARG A 563 -5.71 39.63 -14.77
C ARG A 563 -6.36 41.01 -14.68
N LYS A 564 -7.67 41.01 -14.47
CA LYS A 564 -8.42 42.26 -14.42
C LYS A 564 -9.09 42.44 -13.06
N HIS A 565 -9.53 43.67 -12.81
CA HIS A 565 -10.41 43.98 -11.68
C HIS A 565 -9.83 43.73 -10.29
N ASP A 566 -10.56 42.93 -9.54
CA ASP A 566 -10.37 42.74 -8.11
C ASP A 566 -9.69 41.41 -7.83
N GLU A 567 -9.03 40.87 -8.85
CA GLU A 567 -8.59 39.48 -8.80
C GLU A 567 -7.09 39.28 -8.64
N VAL A 568 -6.74 38.51 -7.61
CA VAL A 568 -5.35 38.21 -7.29
C VAL A 568 -5.07 36.71 -7.47
N TRP A 569 -3.80 36.36 -7.63
CA TRP A 569 -3.42 34.98 -7.89
C TRP A 569 -2.27 34.51 -7.00
N MET A 570 -2.40 33.28 -6.51
CA MET A 570 -1.27 32.55 -5.96
C MET A 570 -0.94 31.42 -6.92
N VAL A 571 0.33 31.32 -7.31
CA VAL A 571 0.75 30.29 -8.25
C VAL A 571 1.98 29.55 -7.74
N ASP A 572 1.88 28.23 -7.74
CA ASP A 572 2.98 27.36 -7.35
C ASP A 572 3.64 26.79 -8.59
N PHE A 573 4.85 27.27 -8.89
CA PHE A 573 5.67 26.74 -9.98
C PHE A 573 6.46 25.54 -9.49
N TYR A 574 6.06 24.34 -9.91
CA TYR A 574 6.65 23.12 -9.40
C TYR A 574 7.24 22.26 -10.51
N SER A 575 7.93 21.20 -10.09
CA SER A 575 8.36 20.16 -11.00
C SER A 575 8.11 18.82 -10.34
N PRO A 576 7.55 17.86 -11.11
CA PRO A 576 7.14 16.56 -10.56
C PRO A 576 8.32 15.72 -10.10
N TRP A 577 9.53 15.97 -10.61
CA TRP A 577 10.70 15.22 -10.16
C TRP A 577 11.31 15.84 -8.91
N SER A 578 10.79 17.00 -8.53
CA SER A 578 11.26 17.69 -7.33
C SER A 578 10.54 17.20 -6.09
N HIS A 579 11.31 16.74 -5.11
CA HIS A 579 10.73 16.25 -3.86
C HIS A 579 9.93 17.30 -3.08
N PRO A 580 10.50 18.51 -2.84
CA PRO A 580 9.71 19.48 -2.09
C PRO A 580 8.42 19.89 -2.79
N SER A 581 8.41 19.78 -4.12
CA SER A 581 7.19 20.05 -4.89
C SER A 581 6.12 19.03 -4.56
N GLN A 582 6.55 17.75 -4.49
CA GLN A 582 5.63 16.66 -4.22
C GLN A 582 5.05 16.77 -2.81
N VAL A 583 5.86 17.25 -1.88
CA VAL A 583 5.38 17.50 -0.52
C VAL A 583 4.36 18.64 -0.50
N LEU A 584 4.65 19.70 -1.25
CA LEU A 584 3.80 20.89 -1.29
C LEU A 584 2.41 20.64 -1.88
N MET A 585 2.35 19.85 -2.95
CA MET A 585 1.13 19.69 -3.73
C MET A 585 -0.14 19.42 -2.92
N PRO A 586 -0.12 18.43 -1.99
CA PRO A 586 -1.34 18.29 -1.19
C PRO A 586 -1.59 19.46 -0.24
N GLU A 587 -0.54 20.10 0.27
CA GLU A 587 -0.70 21.27 1.12
C GLU A 587 -1.30 22.42 0.31
N TRP A 588 -0.74 22.62 -0.88
CA TRP A 588 -1.21 23.64 -1.81
C TRP A 588 -2.70 23.51 -2.14
N LYS A 589 -3.19 22.27 -2.20
CA LYS A 589 -4.61 22.05 -2.48
C LYS A 589 -5.45 22.25 -1.23
N ARG A 590 -4.92 21.82 -0.08
CA ARG A 590 -5.57 22.09 1.20
C ARG A 590 -5.80 23.59 1.37
N MET A 591 -4.74 24.36 1.14
CA MET A 591 -4.77 25.81 1.21
C MET A 591 -5.84 26.40 0.29
N ALA A 592 -5.80 26.01 -0.97
CA ALA A 592 -6.70 26.54 -1.99
C ALA A 592 -8.18 26.36 -1.65
N ARG A 593 -8.51 25.27 -0.97
CA ARG A 593 -9.88 25.02 -0.54
C ARG A 593 -10.38 26.10 0.41
N THR A 594 -9.50 26.58 1.27
CA THR A 594 -9.86 27.59 2.24
C THR A 594 -9.85 28.98 1.63
N LEU A 595 -9.40 29.08 0.38
CA LEU A 595 -9.23 30.38 -0.26
C LEU A 595 -10.31 30.66 -1.31
N THR A 596 -11.33 29.81 -1.35
CA THR A 596 -12.44 29.96 -2.29
C THR A 596 -13.08 31.34 -2.23
N GLY A 597 -13.05 32.04 -3.36
CA GLY A 597 -13.65 33.36 -3.45
C GLY A 597 -12.82 34.44 -2.77
N LEU A 598 -11.62 34.08 -2.33
CA LEU A 598 -10.72 35.04 -1.71
C LEU A 598 -9.52 35.29 -2.61
N ILE A 599 -8.79 34.22 -2.92
CA ILE A 599 -7.64 34.31 -3.81
C ILE A 599 -7.67 33.19 -4.85
N ASN A 600 -7.39 33.54 -6.09
CA ASN A 600 -7.23 32.52 -7.13
C ASN A 600 -5.95 31.76 -6.95
N VAL A 601 -6.03 30.45 -7.08
CA VAL A 601 -4.89 29.57 -6.86
C VAL A 601 -4.60 28.77 -8.11
N GLY A 602 -3.36 28.86 -8.59
CA GLY A 602 -2.96 28.15 -9.78
C GLY A 602 -1.67 27.38 -9.56
N SER A 603 -1.26 26.64 -10.59
CA SER A 603 -0.02 25.90 -10.54
C SER A 603 0.54 25.71 -11.95
N VAL A 604 1.87 25.63 -12.04
CA VAL A 604 2.53 25.46 -13.33
C VAL A 604 3.52 24.29 -13.28
N ASP A 605 3.37 23.37 -14.23
CA ASP A 605 4.27 22.23 -14.35
C ASP A 605 5.50 22.63 -15.15
N CYS A 606 6.61 22.90 -14.46
CA CYS A 606 7.81 23.42 -15.11
C CYS A 606 8.68 22.36 -15.76
N GLN A 607 8.30 21.09 -15.63
CA GLN A 607 8.94 20.04 -16.43
C GLN A 607 8.32 20.05 -17.82
N GLN A 608 7.01 20.20 -17.85
CA GLN A 608 6.26 20.26 -19.10
C GLN A 608 6.50 21.58 -19.82
N TYR A 609 6.59 22.66 -19.05
CA TYR A 609 6.77 23.99 -19.64
C TYR A 609 8.09 24.59 -19.22
N HIS A 610 9.16 23.82 -19.43
CA HIS A 610 10.51 24.19 -19.01
C HIS A 610 10.94 25.56 -19.50
N SER A 611 10.78 25.79 -20.80
CA SER A 611 11.17 27.05 -21.41
C SER A 611 10.40 28.22 -20.80
N PHE A 612 9.09 28.03 -20.65
CA PHE A 612 8.23 29.07 -20.08
C PHE A 612 8.66 29.48 -18.68
N CYS A 613 8.99 28.49 -17.85
CA CYS A 613 9.41 28.76 -16.49
C CYS A 613 10.80 29.41 -16.45
N THR A 614 11.59 29.13 -17.48
CA THR A 614 12.91 29.75 -17.62
C THR A 614 12.74 31.23 -17.89
N GLN A 615 11.75 31.57 -18.70
CA GLN A 615 11.44 32.95 -19.02
C GLN A 615 10.86 33.67 -17.80
N GLU A 616 10.21 32.92 -16.91
CA GLU A 616 9.58 33.51 -15.73
C GLU A 616 10.51 33.56 -14.52
N ASN A 617 11.78 33.21 -14.74
CA ASN A 617 12.81 33.24 -13.71
C ASN A 617 12.57 32.32 -12.52
N VAL A 618 11.84 31.23 -12.73
CA VAL A 618 11.74 30.19 -11.72
C VAL A 618 13.08 29.47 -11.61
N GLN A 619 13.86 29.84 -10.60
CA GLN A 619 15.19 29.26 -10.43
C GLN A 619 15.18 28.12 -9.41
N ARG A 620 14.07 27.96 -8.70
CA ARG A 620 13.93 26.87 -7.73
C ARG A 620 12.53 26.25 -7.76
N TYR A 621 12.46 24.93 -7.51
CA TYR A 621 11.19 24.23 -7.40
C TYR A 621 11.01 23.70 -5.98
N PRO A 622 9.86 23.99 -5.34
CA PRO A 622 8.76 24.78 -5.88
C PRO A 622 8.94 26.28 -5.64
N GLU A 623 8.42 27.07 -6.57
CA GLU A 623 8.39 28.52 -6.42
C GLU A 623 6.96 28.98 -6.21
N ILE A 624 6.73 29.73 -5.14
CA ILE A 624 5.41 30.26 -4.83
C ILE A 624 5.40 31.77 -5.00
N ARG A 625 4.39 32.29 -5.70
CA ARG A 625 4.31 33.72 -5.98
C ARG A 625 2.92 34.29 -5.78
N PHE A 626 2.84 35.51 -5.26
CA PHE A 626 1.56 36.20 -5.14
C PHE A 626 1.48 37.32 -6.17
N TYR A 627 0.33 37.43 -6.83
CA TYR A 627 0.10 38.46 -7.81
C TYR A 627 -0.99 39.42 -7.35
N PRO A 628 -0.58 40.64 -6.94
CA PRO A 628 -1.49 41.65 -6.37
C PRO A 628 -2.45 42.22 -7.41
N GLN A 629 -3.34 43.11 -6.96
CA GLN A 629 -4.21 43.84 -7.87
C GLN A 629 -3.41 44.67 -8.85
N LYS A 630 -3.89 44.75 -10.09
CA LYS A 630 -3.23 45.57 -11.10
C LYS A 630 -3.27 47.05 -10.72
N SER A 631 -4.34 47.46 -10.06
CA SER A 631 -4.48 48.84 -9.58
C SER A 631 -5.48 48.94 -8.43
N ALA A 634 2.83 48.32 -6.87
CA ALA A 634 3.06 48.33 -8.31
C ALA A 634 4.11 47.30 -8.72
N TYR A 635 4.32 46.30 -7.88
CA TYR A 635 5.32 45.27 -8.15
C TYR A 635 4.73 44.10 -8.94
N GLN A 636 5.58 43.44 -9.72
CA GLN A 636 5.15 42.35 -10.59
C GLN A 636 4.49 41.24 -9.78
N TYR A 637 5.18 40.84 -8.71
CA TYR A 637 4.72 39.76 -7.85
C TYR A 637 5.54 39.72 -6.57
N HIS A 638 5.18 38.82 -5.67
CA HIS A 638 5.96 38.59 -4.46
C HIS A 638 6.26 37.10 -4.32
N SER A 639 7.50 36.78 -3.96
CA SER A 639 7.88 35.40 -3.74
C SER A 639 7.75 35.03 -2.26
N TYR A 640 7.31 33.81 -1.99
CA TYR A 640 7.24 33.34 -0.62
C TYR A 640 8.63 32.89 -0.17
N ASN A 641 9.10 33.45 0.94
CA ASN A 641 10.42 33.12 1.46
C ASN A 641 10.37 32.66 2.92
N GLY A 642 9.23 32.14 3.34
CA GLY A 642 9.09 31.63 4.68
C GLY A 642 9.70 30.24 4.81
N TRP A 643 9.90 29.80 6.05
CA TRP A 643 10.49 28.49 6.32
C TRP A 643 9.46 27.37 6.16
N ASN A 644 8.27 27.60 6.73
CA ASN A 644 7.22 26.61 6.69
C ASN A 644 6.37 26.69 5.43
N ARG A 645 6.09 25.53 4.83
CA ARG A 645 5.31 25.48 3.61
C ARG A 645 4.03 24.67 3.78
N ASP A 646 3.51 24.64 5.00
CA ASP A 646 2.22 23.99 5.26
C ASP A 646 1.08 24.89 4.84
N ALA A 647 -0.11 24.30 4.67
CA ALA A 647 -1.26 25.00 4.12
C ALA A 647 -1.63 26.27 4.89
N TYR A 648 -1.51 26.22 6.21
CA TYR A 648 -1.97 27.32 7.03
C TYR A 648 -1.10 28.57 6.90
N SER A 649 0.22 28.36 6.87
CA SER A 649 1.14 29.48 6.81
C SER A 649 1.19 30.09 5.41
N LEU A 650 0.96 29.28 4.39
CA LEU A 650 0.89 29.79 3.01
C LEU A 650 -0.38 30.61 2.81
N ARG A 651 -1.46 30.17 3.43
CA ARG A 651 -2.74 30.87 3.37
C ARG A 651 -2.69 32.22 4.07
N SER A 652 -1.99 32.27 5.21
CA SER A 652 -1.88 33.51 5.96
C SER A 652 -1.04 34.53 5.19
N TRP A 653 0.06 34.06 4.63
CA TRP A 653 0.94 34.89 3.82
C TRP A 653 0.16 35.56 2.67
N GLY A 654 -0.65 34.77 1.98
CA GLY A 654 -1.41 35.25 0.85
C GLY A 654 -2.49 36.27 1.22
N LEU A 655 -3.25 35.98 2.26
CA LEU A 655 -4.35 36.84 2.67
C LEU A 655 -3.84 38.16 3.22
N GLY A 656 -2.58 38.16 3.65
CA GLY A 656 -1.95 39.36 4.17
C GLY A 656 -1.68 40.42 3.11
N PHE A 657 -1.67 40.02 1.85
CA PHE A 657 -1.40 40.94 0.76
C PHE A 657 -2.64 41.71 0.34
N LEU A 658 -3.81 41.13 0.59
CA LEU A 658 -5.08 41.72 0.16
C LEU A 658 -5.32 43.11 0.71
N PRO A 659 -5.90 44.00 -0.12
CA PRO A 659 -6.20 45.37 0.30
C PRO A 659 -7.45 45.40 1.18
N GLN A 660 -7.77 46.58 1.71
CA GLN A 660 -8.92 46.76 2.57
C GLN A 660 -10.24 46.53 1.83
N ALA A 661 -11.12 45.73 2.43
CA ALA A 661 -12.43 45.44 1.85
C ALA A 661 -13.52 46.30 2.49
N SER A 662 -13.34 46.62 3.77
CA SER A 662 -14.31 47.39 4.51
C SER A 662 -14.35 48.86 4.08
N ILE A 663 -15.55 49.42 4.08
CA ILE A 663 -15.73 50.84 3.80
C ILE A 663 -15.39 51.69 5.03
N ASP A 664 -14.51 52.67 4.84
CA ASP A 664 -14.21 53.61 5.91
C ASP A 664 -15.35 54.61 6.07
N LEU A 665 -16.13 54.43 7.12
CA LEU A 665 -17.31 55.27 7.36
C LEU A 665 -16.97 56.61 8.01
N THR A 666 -17.80 57.61 7.72
CA THR A 666 -17.70 58.92 8.35
C THR A 666 -18.96 59.11 9.20
N PRO A 667 -18.99 60.15 10.05
CA PRO A 667 -20.26 60.40 10.76
C PRO A 667 -21.42 60.51 9.80
N GLN A 668 -21.18 61.12 8.65
CA GLN A 668 -22.19 61.25 7.61
C GLN A 668 -22.67 59.88 7.14
N THR A 669 -21.74 59.10 6.62
CA THR A 669 -22.08 57.83 5.99
C THR A 669 -22.50 56.74 6.98
N PHE A 670 -21.96 56.78 8.19
CA PHE A 670 -22.33 55.80 9.21
C PHE A 670 -23.80 55.92 9.58
N ASN A 671 -24.26 57.15 9.77
CA ASN A 671 -25.65 57.39 10.12
C ASN A 671 -26.57 57.12 8.94
N GLU A 672 -26.12 57.46 7.74
CA GLU A 672 -26.95 57.32 6.55
C GLU A 672 -27.03 55.87 6.04
N LYS A 673 -25.89 55.21 5.95
CA LYS A 673 -25.85 53.91 5.31
C LYS A 673 -25.95 52.73 6.26
N VAL A 674 -25.60 52.93 7.54
CA VAL A 674 -25.79 51.87 8.52
C VAL A 674 -27.09 52.03 9.29
N LEU A 675 -27.18 53.10 10.08
CA LEU A 675 -28.32 53.30 10.98
C LEU A 675 -29.64 53.50 10.23
N GLN A 676 -29.61 54.28 9.14
CA GLN A 676 -30.82 54.53 8.36
C GLN A 676 -30.82 53.72 7.08
N GLY A 677 -29.99 52.68 7.03
CA GLY A 677 -29.90 51.83 5.86
C GLY A 677 -30.85 50.66 5.93
N LYS A 678 -30.88 49.85 4.87
CA LYS A 678 -31.77 48.71 4.81
C LYS A 678 -31.00 47.39 4.69
N THR A 679 -29.73 47.40 5.08
CA THR A 679 -28.88 46.21 4.94
C THR A 679 -28.15 45.85 6.24
N HIS A 680 -27.61 44.65 6.30
CA HIS A 680 -26.89 44.19 7.49
C HIS A 680 -25.45 44.67 7.47
N TRP A 681 -24.96 45.06 8.64
CA TRP A 681 -23.61 45.59 8.77
C TRP A 681 -22.88 44.98 9.96
N VAL A 682 -21.58 44.80 9.79
CA VAL A 682 -20.68 44.62 10.90
C VAL A 682 -19.76 45.84 10.89
N VAL A 683 -19.52 46.44 12.05
CA VAL A 683 -18.71 47.66 12.08
C VAL A 683 -17.57 47.59 13.10
N ASP A 684 -16.38 47.97 12.67
CA ASP A 684 -15.21 48.01 13.54
C ASP A 684 -14.96 49.43 14.06
N PHE A 685 -15.22 49.62 15.34
CA PHE A 685 -14.93 50.88 16.01
C PHE A 685 -13.54 50.80 16.63
N TYR A 686 -12.63 51.66 16.16
CA TYR A 686 -11.23 51.52 16.50
C TYR A 686 -10.50 52.85 16.62
N ALA A 687 -9.27 52.79 17.12
CA ALA A 687 -8.33 53.89 17.06
C ALA A 687 -7.09 53.42 16.32
N PRO A 688 -6.56 54.24 15.40
CA PRO A 688 -5.40 53.85 14.59
C PRO A 688 -4.14 53.67 15.44
N TRP A 689 -4.15 54.15 16.68
CA TRP A 689 -3.00 54.03 17.57
C TRP A 689 -3.13 52.84 18.52
N SER A 690 -4.31 52.25 18.59
CA SER A 690 -4.54 51.14 19.50
C SER A 690 -3.93 49.85 18.95
N GLY A 691 -3.04 49.26 19.74
CA GLY A 691 -2.38 48.01 19.37
C GLY A 691 -3.31 46.88 18.99
N PRO A 692 -4.27 46.53 19.89
CA PRO A 692 -5.32 45.57 19.57
C PRO A 692 -6.10 45.90 18.32
N SER A 693 -6.39 47.18 18.09
CA SER A 693 -7.05 47.59 16.86
C SER A 693 -6.24 47.18 15.63
N GLN A 694 -4.93 47.37 15.72
CA GLN A 694 -4.03 47.03 14.62
C GLN A 694 -3.90 45.53 14.43
N ASN A 695 -3.86 44.79 15.54
CA ASN A 695 -3.80 43.33 15.50
C ASN A 695 -5.06 42.74 14.89
N PHE A 696 -6.20 43.40 15.11
CA PHE A 696 -7.49 42.88 14.66
C PHE A 696 -7.79 43.30 13.22
N ALA A 697 -7.11 44.34 12.75
CA ALA A 697 -7.39 44.92 11.44
C ALA A 697 -7.36 43.91 10.28
N PRO A 698 -6.33 43.04 10.20
CA PRO A 698 -6.36 42.08 9.10
C PRO A 698 -7.49 41.05 9.23
N GLU A 699 -7.80 40.64 10.46
CA GLU A 699 -8.82 39.62 10.69
C GLU A 699 -10.22 40.16 10.35
N PHE A 700 -10.44 41.43 10.62
CA PHE A 700 -11.68 42.10 10.23
C PHE A 700 -11.83 42.14 8.69
N GLU A 701 -10.74 42.41 8.00
CA GLU A 701 -10.78 42.46 6.53
C GLU A 701 -11.03 41.07 5.94
N LEU A 702 -10.59 40.03 6.65
CA LEU A 702 -10.90 38.66 6.25
C LEU A 702 -12.38 38.39 6.42
N LEU A 703 -12.92 38.84 7.55
CA LEU A 703 -14.35 38.71 7.84
C LEU A 703 -15.19 39.38 6.76
N ALA A 704 -14.80 40.59 6.37
CA ALA A 704 -15.53 41.36 5.38
C ALA A 704 -15.64 40.58 4.07
N ARG A 705 -14.53 40.02 3.61
CA ARG A 705 -14.51 39.23 2.37
C ARG A 705 -15.30 37.93 2.50
N MET A 706 -15.29 37.34 3.69
CA MET A 706 -16.04 36.11 3.94
C MET A 706 -17.55 36.34 3.86
N ILE A 707 -18.03 37.39 4.52
CA ILE A 707 -19.47 37.64 4.61
C ILE A 707 -19.96 38.60 3.53
N LYS A 708 -19.05 39.05 2.69
CA LYS A 708 -19.38 39.85 1.51
C LYS A 708 -20.45 39.15 0.67
N GLY A 709 -21.58 39.81 0.49
CA GLY A 709 -22.69 39.22 -0.24
C GLY A 709 -23.92 39.08 0.63
N LYS A 710 -23.72 39.12 1.94
CA LYS A 710 -24.83 39.06 2.88
C LYS A 710 -24.74 40.19 3.91
N VAL A 711 -23.52 40.62 4.20
CA VAL A 711 -23.28 41.67 5.20
C VAL A 711 -22.21 42.65 4.72
N ARG A 712 -22.50 43.94 4.79
CA ARG A 712 -21.52 44.98 4.50
C ARG A 712 -20.61 45.16 5.69
N ALA A 713 -19.40 45.66 5.46
CA ALA A 713 -18.47 45.90 6.56
C ALA A 713 -17.98 47.34 6.57
N GLY A 714 -17.88 47.91 7.77
CA GLY A 714 -17.42 49.28 7.92
C GLY A 714 -16.44 49.44 9.06
N LYS A 715 -15.59 50.45 8.96
CA LYS A 715 -14.71 50.82 10.05
C LYS A 715 -15.01 52.26 10.48
N VAL A 716 -14.90 52.52 11.78
CA VAL A 716 -15.08 53.87 12.29
C VAL A 716 -13.88 54.30 13.11
N ASP A 717 -13.17 55.31 12.58
CA ASP A 717 -11.97 55.84 13.23
C ASP A 717 -12.38 56.74 14.41
N CYS A 718 -12.38 56.17 15.61
CA CYS A 718 -12.86 56.88 16.80
C CYS A 718 -11.97 58.08 17.18
N GLN A 719 -10.73 58.07 16.70
CA GLN A 719 -9.84 59.21 16.91
C GLN A 719 -10.33 60.40 16.09
N ALA A 720 -10.67 60.12 14.83
CA ALA A 720 -11.13 61.14 13.91
C ALA A 720 -12.53 61.61 14.22
N TYR A 721 -13.37 60.72 14.73
CA TYR A 721 -14.76 61.05 14.99
C TYR A 721 -15.23 60.57 16.36
N PRO A 722 -14.75 61.23 17.43
CA PRO A 722 -15.06 60.84 18.81
C PRO A 722 -16.55 60.94 19.09
N GLN A 723 -17.20 61.92 18.45
CA GLN A 723 -18.65 62.10 18.51
C GLN A 723 -19.42 60.82 18.21
N THR A 724 -19.12 60.21 17.07
CA THR A 724 -19.80 59.01 16.61
C THR A 724 -19.58 57.83 17.55
N CYS A 725 -18.35 57.67 18.02
CA CYS A 725 -18.02 56.58 18.94
C CYS A 725 -18.62 56.83 20.32
N GLN A 726 -18.71 58.11 20.70
CA GLN A 726 -19.34 58.49 21.94
C GLN A 726 -20.82 58.12 21.89
N LYS A 727 -21.46 58.50 20.79
CA LYS A 727 -22.87 58.17 20.56
C LYS A 727 -23.08 56.66 20.53
N ALA A 728 -22.15 55.95 19.91
CA ALA A 728 -22.24 54.50 19.79
C ALA A 728 -21.95 53.82 21.13
N GLY A 729 -21.37 54.58 22.05
CA GLY A 729 -21.07 54.07 23.39
C GLY A 729 -19.84 53.19 23.41
N ILE A 730 -18.84 53.55 22.62
CA ILE A 730 -17.63 52.76 22.53
C ILE A 730 -16.68 53.06 23.69
N LYS A 731 -16.39 52.04 24.49
CA LYS A 731 -15.55 52.22 25.67
C LYS A 731 -14.15 51.65 25.46
N ALA A 732 -14.02 50.74 24.49
CA ALA A 732 -12.75 50.04 24.29
C ALA A 732 -12.46 49.83 22.80
N TYR A 733 -11.18 49.88 22.45
CA TYR A 733 -10.73 49.65 21.09
C TYR A 733 -9.99 48.32 20.97
N PRO A 734 -10.33 47.53 19.95
CA PRO A 734 -11.45 47.80 19.04
C PRO A 734 -12.76 47.25 19.58
N SER A 735 -13.87 47.83 19.15
CA SER A 735 -15.18 47.29 19.44
C SER A 735 -15.87 46.94 18.14
N VAL A 736 -16.63 45.84 18.14
CA VAL A 736 -17.29 45.38 16.94
C VAL A 736 -18.80 45.29 17.13
N LYS A 737 -19.54 45.97 16.26
CA LYS A 737 -20.98 45.96 16.32
C LYS A 737 -21.56 45.24 15.12
N LEU A 738 -22.66 44.52 15.36
CA LEU A 738 -23.42 43.90 14.28
C LEU A 738 -24.75 44.61 14.15
N TYR A 739 -25.09 45.03 12.93
CA TYR A 739 -26.36 45.68 12.68
C TYR A 739 -27.23 44.85 11.78
N GLN A 740 -28.41 44.49 12.27
CA GLN A 740 -29.36 43.69 11.50
C GLN A 740 -30.61 44.49 11.17
N TYR A 741 -31.02 44.44 9.90
CA TYR A 741 -32.22 45.13 9.48
C TYR A 741 -33.44 44.23 9.55
N GLU A 742 -34.41 44.62 10.38
CA GLU A 742 -35.69 43.93 10.42
C GLU A 742 -36.61 44.46 9.34
N ARG A 743 -36.60 43.79 8.18
CA ARG A 743 -37.35 44.23 7.01
C ARG A 743 -38.83 44.40 7.30
N ALA A 744 -39.36 43.51 8.14
CA ALA A 744 -40.77 43.55 8.48
C ALA A 744 -41.13 44.79 9.28
N LYS A 745 -40.18 45.28 10.08
CA LYS A 745 -40.45 46.40 10.97
C LYS A 745 -39.63 47.63 10.60
N LYS A 746 -39.03 47.60 9.41
CA LYS A 746 -38.22 48.72 8.90
C LYS A 746 -37.26 49.28 9.95
N SER A 747 -36.50 48.41 10.59
CA SER A 747 -35.67 48.85 11.70
C SER A 747 -34.35 48.08 11.82
N ILE A 748 -33.30 48.82 12.21
CA ILE A 748 -31.99 48.27 12.49
C ILE A 748 -31.84 48.08 14.00
N TRP A 749 -31.41 46.90 14.42
CA TRP A 749 -31.06 46.73 15.83
C TRP A 749 -29.62 46.24 15.97
N GLU A 750 -29.02 46.61 17.09
CA GLU A 750 -27.57 46.53 17.28
C GLU A 750 -27.19 45.45 18.29
N GLU A 751 -26.11 44.74 17.99
CA GLU A 751 -25.55 43.76 18.92
C GLU A 751 -24.04 43.86 18.95
N GLN A 752 -23.45 43.56 20.10
CA GLN A 752 -22.00 43.58 20.25
C GLN A 752 -21.42 42.22 19.83
N ILE A 753 -20.31 42.25 19.10
CA ILE A 753 -19.55 41.05 18.76
C ILE A 753 -18.25 41.02 19.56
N ASN A 754 -18.10 40.03 20.44
CA ASN A 754 -16.94 39.98 21.33
C ASN A 754 -15.82 39.10 20.80
N SER A 755 -16.18 38.12 19.97
CA SER A 755 -15.19 37.25 19.36
C SER A 755 -14.29 38.08 18.44
N ARG A 756 -13.05 37.65 18.29
CA ARG A 756 -12.11 38.34 17.41
C ARG A 756 -11.59 37.40 16.33
N ASP A 757 -12.29 36.28 16.16
CA ASP A 757 -11.93 35.30 15.15
C ASP A 757 -12.91 35.36 13.98
N ALA A 758 -12.38 35.64 12.79
CA ALA A 758 -13.21 35.91 11.62
C ALA A 758 -14.17 34.78 11.28
N LYS A 759 -13.65 33.55 11.22
CA LYS A 759 -14.45 32.37 10.94
C LYS A 759 -15.55 32.20 11.99
N THR A 760 -15.20 32.43 13.25
CA THR A 760 -16.16 32.31 14.33
C THR A 760 -17.29 33.34 14.20
N ILE A 761 -16.90 34.59 13.96
CA ILE A 761 -17.85 35.68 13.77
C ILE A 761 -18.78 35.42 12.59
N ALA A 762 -18.21 34.95 11.48
CA ALA A 762 -18.97 34.65 10.27
C ALA A 762 -20.07 33.63 10.52
N ALA A 763 -19.72 32.54 11.18
CA ALA A 763 -20.70 31.49 11.50
C ALA A 763 -21.77 32.06 12.44
N LEU A 764 -21.33 32.84 13.43
CA LEU A 764 -22.24 33.48 14.36
C LEU A 764 -23.24 34.37 13.63
N ILE A 765 -22.73 35.21 12.72
CA ILE A 765 -23.58 36.10 11.93
C ILE A 765 -24.57 35.32 11.09
N TYR A 766 -24.08 34.27 10.43
CA TYR A 766 -24.91 33.47 9.55
C TYR A 766 -26.02 32.74 10.29
N GLY A 767 -25.72 32.29 11.51
CA GLY A 767 -26.74 31.69 12.35
C GLY A 767 -27.84 32.69 12.64
N LYS A 768 -27.44 33.95 12.84
CA LYS A 768 -28.40 35.01 13.14
C LYS A 768 -29.27 35.37 11.95
N LEU A 769 -28.73 35.22 10.74
CA LEU A 769 -29.45 35.60 9.52
C LEU A 769 -30.55 34.60 9.18
N GLU A 770 -30.37 33.33 9.55
CA GLU A 770 -31.40 32.32 9.33
C GLU A 770 -32.59 32.57 10.25
N THR A 771 -32.29 32.99 11.47
CA THR A 771 -33.32 33.30 12.46
C THR A 771 -33.92 34.69 12.22
N LEU A 772 -33.67 35.23 11.03
CA LEU A 772 -34.21 36.53 10.64
C LEU A 772 -35.10 36.40 9.41
N GLN A 773 -35.28 35.16 8.94
CA GLN A 773 -36.10 34.90 7.76
C GLN A 773 -36.71 33.51 7.79
#